data_6OIC
#
_entry.id   6OIC
#
_cell.length_a   76.101
_cell.length_b   108.753
_cell.length_c   131.058
_cell.angle_alpha   90.00
_cell.angle_beta   90.00
_cell.angle_gamma   90.00
#
_symmetry.space_group_name_H-M   'P 21 21 21'
#
loop_
_entity.id
_entity.type
_entity.pdbx_description
1 polymer 'Sulfide:quinone oxidoreductase, mitochondrial'
2 non-polymer 'FLAVIN-ADENINE DINUCLEOTIDE'
3 non-polymer UBIQUINONE-1
4 non-polymer 'HYDROSULFURIC ACID'
5 water water
#
_entity_poly.entity_id   1
_entity_poly.type   'polypeptide(L)'
_entity_poly.pdbx_seq_one_letter_code
;MNHYEVLVLGGGSGGITMAARMKRKVGAENVAIVEPSERHFYQPIWTLVGAGAKQLSSSGRPTASVIPSGVEWIKARVTE
LNPDKNCIHTDDDEKISYRYLIIALGIQLDYEKIKGLPEGFAHPKIGSNYSVKTVEKTWKALQDFKEGNAIFTFPNTPVK
CAGAPQKIMYLSEAYFRKTGKRSKANIIFNTSLGAIFGVKKYADALQEIIQERNLTVNYKKNLIEVRADKQEAVFENLDK
PGETQVISYEMLHVTPPMSPPDVLKTSPVADAAGWVDVDKETLQHRRYPNVFGIGDCTNLPTSKTAAAVAAQSGILDRTI
SVIMKNQTPTKKYDGYTSCPLVTGYNRVILAEFDYKAEPLETFPFDQSKERLSMYLMKADLMPFLYWNMMLRGYWGGPAF
LRKLFHLGMSLEHHHHHH
;
_entity_poly.pdbx_strand_id   A,B
#
loop_
_chem_comp.id
_chem_comp.type
_chem_comp.name
_chem_comp.formula
FAD non-polymer 'FLAVIN-ADENINE DINUCLEOTIDE' 'C27 H33 N9 O15 P2'
H2S non-polymer 'HYDROSULFURIC ACID' 'H2 S'
UQ1 non-polymer UBIQUINONE-1 'C14 H18 O4'
#
# COMPACT_ATOMS: atom_id res chain seq x y z
N MET A 1 -8.74 28.77 -19.33
CA MET A 1 -8.70 27.38 -18.94
C MET A 1 -10.07 26.79 -19.12
N ASN A 2 -10.13 25.64 -19.78
CA ASN A 2 -11.38 24.91 -19.88
C ASN A 2 -11.94 24.65 -18.49
N HIS A 3 -13.26 24.76 -18.36
CA HIS A 3 -13.91 24.73 -17.06
C HIS A 3 -15.24 24.00 -17.15
N TYR A 4 -15.54 23.18 -16.14
CA TYR A 4 -16.81 22.51 -16.07
C TYR A 4 -17.27 22.56 -14.62
N GLU A 5 -18.57 22.72 -14.43
CA GLU A 5 -19.08 22.67 -13.07
C GLU A 5 -18.74 21.34 -12.43
N VAL A 6 -18.94 20.24 -13.17
CA VAL A 6 -18.70 18.90 -12.64
C VAL A 6 -17.74 18.20 -13.59
N LEU A 7 -16.54 17.91 -13.10
CA LEU A 7 -15.53 17.22 -13.88
C LEU A 7 -15.40 15.81 -13.32
N VAL A 8 -15.52 14.82 -14.19
CA VAL A 8 -15.45 13.42 -13.79
C VAL A 8 -14.20 12.84 -14.42
N LEU A 9 -13.34 12.28 -13.60
CA LEU A 9 -12.10 11.66 -14.05
C LEU A 9 -12.34 10.16 -14.17
N GLY A 10 -12.23 9.67 -15.39
CA GLY A 10 -12.49 8.27 -15.62
C GLY A 10 -13.88 8.09 -16.18
N GLY A 11 -13.95 7.39 -17.31
CA GLY A 11 -15.22 7.08 -17.93
C GLY A 11 -15.54 5.61 -17.84
N GLY A 12 -15.31 5.03 -16.67
CA GLY A 12 -15.57 3.63 -16.42
C GLY A 12 -16.91 3.47 -15.77
N SER A 13 -17.06 2.41 -14.96
CA SER A 13 -18.35 2.15 -14.36
C SER A 13 -18.77 3.32 -13.47
N GLY A 14 -17.85 3.76 -12.60
CA GLY A 14 -18.20 4.83 -11.69
C GLY A 14 -18.34 6.16 -12.39
N GLY A 15 -17.47 6.43 -13.37
CA GLY A 15 -17.41 7.74 -13.97
C GLY A 15 -18.59 8.03 -14.87
N ILE A 16 -18.99 7.04 -15.67
CA ILE A 16 -20.18 7.19 -16.50
C ILE A 16 -21.41 7.28 -15.62
N THR A 17 -21.52 6.40 -14.63
CA THR A 17 -22.67 6.41 -13.75
C THR A 17 -22.83 7.77 -13.08
N MET A 18 -21.74 8.34 -12.55
CA MET A 18 -21.85 9.63 -11.90
C MET A 18 -22.03 10.75 -12.92
N ALA A 19 -21.53 10.57 -14.14
CA ALA A 19 -21.76 11.59 -15.15
C ALA A 19 -23.24 11.66 -15.52
N ALA A 20 -23.88 10.51 -15.68
CA ALA A 20 -25.31 10.46 -15.94
C ALA A 20 -26.10 11.08 -14.79
N ARG A 21 -25.74 10.72 -13.55
CA ARG A 21 -26.40 11.31 -12.40
C ARG A 21 -26.18 12.81 -12.35
N MET A 22 -24.96 13.26 -12.62
CA MET A 22 -24.68 14.68 -12.51
C MET A 22 -25.26 15.45 -13.69
N LYS A 23 -25.38 14.82 -14.85
CA LYS A 23 -26.07 15.44 -15.97
C LYS A 23 -27.47 15.87 -15.57
N ARG A 24 -28.21 14.99 -14.89
CA ARG A 24 -29.56 15.32 -14.45
C ARG A 24 -29.57 16.39 -13.38
N LYS A 25 -28.47 16.61 -12.68
CA LYS A 25 -28.50 17.57 -11.58
C LYS A 25 -28.02 18.95 -11.98
N VAL A 26 -27.06 19.06 -12.89
CA VAL A 26 -26.49 20.36 -13.25
C VAL A 26 -26.66 20.66 -14.73
N GLY A 27 -27.25 19.75 -15.51
CA GLY A 27 -27.31 19.93 -16.94
C GLY A 27 -26.10 19.36 -17.65
N ALA A 28 -26.31 18.70 -18.78
CA ALA A 28 -25.25 17.95 -19.44
C ALA A 28 -24.09 18.84 -19.85
N GLU A 29 -24.35 20.08 -20.24
CA GLU A 29 -23.26 20.90 -20.74
C GLU A 29 -22.30 21.33 -19.64
N ASN A 30 -22.66 21.16 -18.39
CA ASN A 30 -21.78 21.50 -17.29
C ASN A 30 -20.99 20.30 -16.79
N VAL A 31 -21.06 19.18 -17.50
CA VAL A 31 -20.39 17.95 -17.09
C VAL A 31 -19.40 17.55 -18.17
N ALA A 32 -18.20 17.19 -17.76
CA ALA A 32 -17.22 16.63 -18.66
C ALA A 32 -16.70 15.35 -18.03
N ILE A 33 -16.31 14.41 -18.90
CA ILE A 33 -15.64 13.19 -18.49
C ILE A 33 -14.28 13.16 -19.16
N VAL A 34 -13.23 12.96 -18.37
CA VAL A 34 -11.88 12.75 -18.89
C VAL A 34 -11.67 11.25 -18.94
N GLU A 35 -11.49 10.70 -20.13
CA GLU A 35 -11.34 9.26 -20.35
C GLU A 35 -10.57 8.99 -21.66
N PRO A 36 -9.40 8.33 -21.58
CA PRO A 36 -8.59 8.08 -22.79
C PRO A 36 -9.03 6.90 -23.64
N SER A 37 -9.72 5.93 -23.06
CA SER A 37 -10.06 4.70 -23.79
C SER A 37 -11.25 4.95 -24.70
N GLU A 38 -11.13 4.52 -25.96
CA GLU A 38 -12.22 4.51 -26.90
C GLU A 38 -13.30 3.50 -26.54
N ARG A 39 -13.01 2.60 -25.64
CA ARG A 39 -13.91 1.49 -25.38
C ARG A 39 -14.18 1.41 -23.88
N HIS A 40 -15.43 1.20 -23.54
CA HIS A 40 -15.86 1.04 -22.17
C HIS A 40 -16.26 -0.42 -21.96
N PHE A 41 -15.80 -1.03 -20.87
CA PHE A 41 -15.98 -2.47 -20.69
C PHE A 41 -16.86 -2.78 -19.49
N TYR A 42 -17.80 -3.69 -19.68
CA TYR A 42 -18.46 -4.35 -18.56
C TYR A 42 -17.54 -5.48 -18.14
N GLN A 43 -16.59 -5.12 -17.26
CA GLN A 43 -15.57 -6.07 -16.84
C GLN A 43 -16.08 -7.31 -16.11
N PRO A 44 -17.20 -7.31 -15.39
CA PRO A 44 -17.58 -8.54 -14.68
C PRO A 44 -17.81 -9.72 -15.60
N ILE A 45 -18.15 -9.48 -16.85
CA ILE A 45 -18.41 -10.58 -17.74
C ILE A 45 -17.13 -11.24 -18.19
N TRP A 46 -15.97 -10.62 -17.92
CA TRP A 46 -14.70 -11.24 -18.31
C TRP A 46 -14.46 -12.56 -17.58
N THR A 47 -15.04 -12.72 -16.40
CA THR A 47 -14.99 -14.03 -15.74
C THR A 47 -15.54 -15.10 -16.66
N LEU A 48 -16.76 -14.85 -17.20
CA LEU A 48 -17.39 -15.82 -18.08
C LEU A 48 -16.72 -15.86 -19.44
N VAL A 49 -16.11 -14.76 -19.89
CA VAL A 49 -15.35 -14.80 -21.15
C VAL A 49 -14.11 -15.67 -20.99
N GLY A 50 -13.41 -15.55 -19.86
CA GLY A 50 -12.28 -16.43 -19.62
C GLY A 50 -12.68 -17.89 -19.52
N ALA A 51 -13.93 -18.17 -19.16
CA ALA A 51 -14.38 -19.55 -19.05
C ALA A 51 -15.07 -20.04 -20.33
N GLY A 52 -14.99 -19.28 -21.42
CA GLY A 52 -15.61 -19.64 -22.69
C GLY A 52 -17.11 -19.48 -22.76
N ALA A 53 -17.75 -18.88 -21.76
CA ALA A 53 -19.21 -18.86 -21.73
C ALA A 53 -19.81 -17.58 -22.29
N LYS A 54 -19.02 -16.53 -22.48
CA LYS A 54 -19.47 -15.28 -23.06
C LYS A 54 -18.40 -14.81 -24.02
N GLN A 55 -18.79 -13.91 -24.94
CA GLN A 55 -17.94 -13.36 -25.98
C GLN A 55 -17.32 -12.06 -25.53
N LEU A 56 -16.03 -11.89 -25.79
CA LEU A 56 -15.35 -10.66 -25.42
C LEU A 56 -16.07 -9.44 -26.00
N SER A 57 -16.40 -9.49 -27.30
CA SER A 57 -16.94 -8.33 -27.99
C SER A 57 -18.20 -7.82 -27.32
N SER A 58 -19.05 -8.73 -26.82
CA SER A 58 -20.25 -8.29 -26.15
C SER A 58 -19.95 -7.56 -24.84
N SER A 59 -18.71 -7.65 -24.34
CA SER A 59 -18.40 -7.05 -23.06
C SER A 59 -18.06 -5.57 -23.16
N GLY A 60 -17.88 -5.06 -24.36
CA GLY A 60 -17.48 -3.68 -24.54
C GLY A 60 -18.40 -2.95 -25.48
N ARG A 61 -18.55 -1.65 -25.24
CA ARG A 61 -19.19 -0.67 -26.11
C ARG A 61 -18.23 0.46 -26.34
N PRO A 62 -18.37 1.20 -27.45
CA PRO A 62 -17.57 2.41 -27.65
C PRO A 62 -17.82 3.39 -26.51
N THR A 63 -16.76 4.04 -26.04
CA THR A 63 -16.93 4.99 -24.96
C THR A 63 -17.94 6.06 -25.35
N ALA A 64 -17.89 6.54 -26.60
CA ALA A 64 -18.81 7.57 -27.06
C ALA A 64 -20.27 7.15 -26.91
N SER A 65 -20.54 5.86 -26.96
CA SER A 65 -21.93 5.42 -26.92
C SER A 65 -22.45 5.25 -25.49
N VAL A 66 -21.60 5.38 -24.48
CA VAL A 66 -22.03 5.37 -23.09
C VAL A 66 -21.91 6.74 -22.42
N ILE A 67 -21.24 7.69 -23.05
CA ILE A 67 -21.22 9.07 -22.55
C ILE A 67 -22.67 9.51 -22.46
N PRO A 68 -23.16 9.89 -21.29
CA PRO A 68 -24.48 10.53 -21.23
C PRO A 68 -24.54 11.63 -22.29
N SER A 69 -25.62 11.65 -23.06
CA SER A 69 -25.68 12.53 -24.22
C SER A 69 -25.59 13.98 -23.78
N GLY A 70 -24.82 14.76 -24.53
CA GLY A 70 -24.55 16.14 -24.21
C GLY A 70 -23.41 16.37 -23.25
N VAL A 71 -23.02 15.37 -22.47
CA VAL A 71 -21.85 15.52 -21.61
C VAL A 71 -20.61 15.55 -22.50
N GLU A 72 -19.65 16.39 -22.14
CA GLU A 72 -18.41 16.49 -22.90
C GLU A 72 -17.49 15.34 -22.56
N TRP A 73 -16.96 14.69 -23.59
CA TRP A 73 -15.98 13.62 -23.44
C TRP A 73 -14.62 14.21 -23.79
N ILE A 74 -13.76 14.36 -22.78
CA ILE A 74 -12.39 14.80 -22.98
C ILE A 74 -11.58 13.53 -23.16
N LYS A 75 -11.24 13.20 -24.40
CA LYS A 75 -10.50 11.96 -24.62
C LYS A 75 -9.02 12.20 -24.35
N ALA A 76 -8.61 11.94 -23.12
CA ALA A 76 -7.25 12.22 -22.65
C ALA A 76 -7.06 11.54 -21.30
N ARG A 77 -5.80 11.46 -20.87
CA ARG A 77 -5.45 10.97 -19.54
C ARG A 77 -5.27 12.15 -18.60
N VAL A 78 -5.79 12.02 -17.38
CA VAL A 78 -5.41 12.93 -16.31
C VAL A 78 -3.97 12.63 -15.93
N THR A 79 -3.10 13.65 -15.96
CA THR A 79 -1.70 13.49 -15.64
C THR A 79 -1.30 14.19 -14.35
N GLU A 80 -2.19 14.99 -13.77
CA GLU A 80 -1.93 15.65 -12.51
C GLU A 80 -3.24 16.25 -12.02
N LEU A 81 -3.39 16.29 -10.70
CA LEU A 81 -4.51 16.95 -10.07
C LEU A 81 -3.96 18.03 -9.17
N ASN A 82 -4.45 19.26 -9.35
CA ASN A 82 -4.09 20.39 -8.50
C ASN A 82 -5.35 20.86 -7.78
N PRO A 83 -5.81 20.11 -6.77
CA PRO A 83 -7.08 20.46 -6.14
C PRO A 83 -7.06 21.79 -5.42
N ASP A 84 -5.91 22.19 -4.85
CA ASP A 84 -5.82 23.52 -4.26
C ASP A 84 -6.20 24.60 -5.27
N LYS A 85 -5.93 24.38 -6.55
CA LYS A 85 -6.31 25.28 -7.63
C LYS A 85 -7.57 24.83 -8.40
N ASN A 86 -8.28 23.80 -7.90
CA ASN A 86 -9.49 23.27 -8.54
C ASN A 86 -9.28 22.99 -10.02
N CYS A 87 -8.18 22.30 -10.34
CA CYS A 87 -7.94 22.02 -11.74
C CYS A 87 -7.12 20.74 -11.86
N ILE A 88 -7.10 20.22 -13.08
CA ILE A 88 -6.35 19.02 -13.41
C ILE A 88 -5.59 19.30 -14.69
N HIS A 89 -4.57 18.48 -14.94
CA HIS A 89 -3.86 18.49 -16.22
C HIS A 89 -4.22 17.23 -16.99
N THR A 90 -4.16 17.34 -18.30
CA THR A 90 -4.34 16.18 -19.15
C THR A 90 -3.07 15.96 -19.97
N ASP A 91 -2.99 14.79 -20.60
CA ASP A 91 -1.81 14.50 -21.41
C ASP A 91 -1.92 15.13 -22.80
N ASP A 92 -2.93 15.98 -23.00
CA ASP A 92 -2.99 16.89 -24.13
C ASP A 92 -2.44 18.26 -23.78
N ASP A 93 -1.66 18.36 -22.71
CA ASP A 93 -1.15 19.60 -22.17
C ASP A 93 -2.26 20.64 -22.03
N GLU A 94 -3.45 20.18 -21.65
CA GLU A 94 -4.56 21.06 -21.33
C GLU A 94 -4.74 21.06 -19.81
N LYS A 95 -5.19 22.19 -19.29
CA LYS A 95 -5.61 22.26 -17.91
C LYS A 95 -7.11 22.46 -17.90
N ILE A 96 -7.79 21.76 -16.99
CA ILE A 96 -9.23 21.85 -16.87
C ILE A 96 -9.53 22.17 -15.42
N SER A 97 -10.26 23.25 -15.19
CA SER A 97 -10.73 23.59 -13.86
C SER A 97 -12.15 23.08 -13.69
N TYR A 98 -12.59 23.06 -12.44
CA TYR A 98 -13.85 22.46 -12.11
C TYR A 98 -14.40 23.21 -10.91
N ARG A 99 -15.71 23.10 -10.71
CA ARG A 99 -16.28 23.49 -9.43
C ARG A 99 -16.42 22.29 -8.52
N TYR A 100 -16.68 21.12 -9.08
CA TYR A 100 -16.76 19.88 -8.34
C TYR A 100 -16.02 18.81 -9.13
N LEU A 101 -15.29 17.97 -8.42
CA LEU A 101 -14.48 16.94 -9.05
C LEU A 101 -14.95 15.58 -8.57
N ILE A 102 -15.28 14.70 -9.50
CA ILE A 102 -15.59 13.31 -9.19
C ILE A 102 -14.47 12.46 -9.75
N ILE A 103 -13.76 11.78 -8.87
CA ILE A 103 -12.63 10.95 -9.27
C ILE A 103 -13.11 9.51 -9.31
N ALA A 104 -13.06 8.90 -10.50
CA ALA A 104 -13.47 7.53 -10.75
C ALA A 104 -12.44 6.85 -11.63
N LEU A 105 -11.18 6.91 -11.23
CA LEU A 105 -10.10 6.43 -12.08
C LEU A 105 -9.89 4.92 -11.98
N GLY A 106 -10.63 4.24 -11.14
CA GLY A 106 -10.49 2.81 -11.12
C GLY A 106 -9.19 2.37 -10.46
N ILE A 107 -8.89 1.11 -10.68
CA ILE A 107 -7.69 0.51 -10.15
C ILE A 107 -6.80 0.16 -11.32
N GLN A 108 -5.50 0.30 -11.14
CA GLN A 108 -4.55 0.08 -12.21
C GLN A 108 -4.00 -1.34 -12.15
N LEU A 109 -3.77 -1.93 -13.31
CA LEU A 109 -3.22 -3.27 -13.38
C LEU A 109 -1.71 -3.16 -13.57
N ASP A 110 -0.95 -3.88 -12.75
CA ASP A 110 0.49 -3.86 -12.86
C ASP A 110 1.05 -5.23 -13.20
N TYR A 111 0.63 -5.81 -14.33
CA TYR A 111 1.19 -7.08 -14.78
C TYR A 111 2.70 -7.06 -14.79
N GLU A 112 3.27 -5.91 -15.16
CA GLU A 112 4.72 -5.82 -15.31
C GLU A 112 5.46 -5.93 -13.99
N LYS A 113 4.77 -5.94 -12.85
CA LYS A 113 5.48 -6.16 -11.60
C LYS A 113 5.80 -7.64 -11.39
N ILE A 114 5.18 -8.52 -12.16
CA ILE A 114 5.57 -9.93 -12.23
C ILE A 114 6.69 -10.02 -13.25
N LYS A 115 7.85 -10.53 -12.84
CA LYS A 115 8.90 -10.77 -13.82
C LYS A 115 8.39 -11.76 -14.86
N GLY A 116 8.56 -11.41 -16.14
CA GLY A 116 8.07 -12.23 -17.24
C GLY A 116 6.73 -11.80 -17.83
N LEU A 117 6.04 -10.84 -17.22
CA LEU A 117 4.81 -10.32 -17.76
C LEU A 117 4.98 -8.84 -18.09
N PRO A 118 4.26 -8.32 -19.11
CA PRO A 118 3.26 -9.06 -19.88
C PRO A 118 3.81 -9.83 -21.08
N GLU A 119 5.12 -9.78 -21.33
CA GLU A 119 5.70 -10.53 -22.44
C GLU A 119 5.25 -11.99 -22.44
N GLY A 120 5.16 -12.59 -21.25
CA GLY A 120 4.76 -13.99 -21.17
C GLY A 120 3.44 -14.32 -21.82
N PHE A 121 2.52 -13.34 -21.90
CA PHE A 121 1.20 -13.60 -22.46
C PHE A 121 1.23 -13.88 -23.96
N ALA A 122 2.34 -13.55 -24.63
CA ALA A 122 2.56 -14.00 -26.00
C ALA A 122 2.66 -15.52 -26.13
N HIS A 123 2.77 -16.23 -25.03
CA HIS A 123 2.90 -17.67 -25.06
C HIS A 123 1.58 -18.32 -24.72
N PRO A 124 1.38 -19.57 -25.14
CA PRO A 124 0.16 -20.30 -24.75
C PRO A 124 0.17 -20.68 -23.28
N LYS A 125 -0.94 -21.23 -22.80
CA LYS A 125 -1.11 -21.84 -21.49
C LYS A 125 -1.22 -20.83 -20.35
N ILE A 126 -1.27 -19.53 -20.64
CA ILE A 126 -1.38 -18.52 -19.60
C ILE A 126 -2.37 -17.45 -20.03
N GLY A 127 -3.29 -17.11 -19.13
CA GLY A 127 -4.20 -16.02 -19.38
C GLY A 127 -4.38 -15.17 -18.14
N SER A 128 -5.28 -14.20 -18.26
CA SER A 128 -5.68 -13.36 -17.15
C SER A 128 -7.00 -12.72 -17.51
N ASN A 129 -8.04 -13.00 -16.73
CA ASN A 129 -9.35 -12.39 -17.02
C ASN A 129 -9.39 -10.91 -16.73
N TYR A 130 -8.30 -10.32 -16.24
CA TYR A 130 -8.30 -8.94 -15.78
C TYR A 130 -7.95 -7.94 -16.86
N SER A 131 -7.46 -8.40 -18.00
CA SER A 131 -7.15 -7.49 -19.09
C SER A 131 -7.91 -7.90 -20.35
N VAL A 132 -8.36 -6.90 -21.11
CA VAL A 132 -9.01 -7.19 -22.39
C VAL A 132 -8.08 -7.97 -23.30
N LYS A 133 -6.76 -7.72 -23.18
CA LYS A 133 -5.76 -8.39 -23.99
C LYS A 133 -5.51 -9.84 -23.60
N THR A 134 -5.93 -10.26 -22.40
CA THR A 134 -5.53 -11.56 -21.91
C THR A 134 -6.68 -12.46 -21.50
N VAL A 135 -7.93 -11.98 -21.47
CA VAL A 135 -9.00 -12.82 -20.93
C VAL A 135 -9.32 -13.95 -21.89
N GLU A 136 -9.25 -13.69 -23.21
CA GLU A 136 -9.47 -14.78 -24.15
C GLU A 136 -8.32 -15.77 -24.11
N LYS A 137 -7.14 -15.32 -23.68
CA LYS A 137 -6.03 -16.25 -23.52
C LYS A 137 -6.28 -17.20 -22.36
N THR A 138 -6.99 -16.74 -21.32
CA THR A 138 -7.47 -17.66 -20.30
C THR A 138 -8.25 -18.80 -20.94
N TRP A 139 -9.26 -18.44 -21.74
CA TRP A 139 -10.12 -19.44 -22.39
C TRP A 139 -9.33 -20.39 -23.28
N LYS A 140 -8.40 -19.87 -24.09
CA LYS A 140 -7.59 -20.74 -24.92
C LYS A 140 -6.71 -21.67 -24.08
N ALA A 141 -6.14 -21.17 -23.00
CA ALA A 141 -5.38 -22.03 -22.09
C ALA A 141 -6.27 -23.12 -21.53
N LEU A 142 -7.52 -22.78 -21.22
CA LEU A 142 -8.47 -23.75 -20.69
C LEU A 142 -8.82 -24.80 -21.74
N GLN A 143 -8.91 -24.40 -23.01
CA GLN A 143 -9.24 -25.36 -24.06
C GLN A 143 -8.06 -26.26 -24.36
N ASP A 144 -6.87 -25.67 -24.48
CA ASP A 144 -5.67 -26.40 -24.84
C ASP A 144 -5.11 -27.22 -23.69
N PHE A 145 -5.66 -27.07 -22.49
CA PHE A 145 -5.20 -27.85 -21.35
C PHE A 145 -5.37 -29.33 -21.64
N LYS A 146 -4.26 -30.04 -21.72
CA LYS A 146 -4.28 -31.50 -21.77
C LYS A 146 -4.07 -32.08 -20.38
N GLU A 147 -2.90 -31.82 -19.78
CA GLU A 147 -2.65 -32.42 -18.48
C GLU A 147 -1.59 -31.63 -17.71
N GLY A 148 -1.79 -31.57 -16.39
CA GLY A 148 -0.79 -30.99 -15.53
C GLY A 148 -1.38 -30.11 -14.46
N ASN A 149 -0.62 -29.10 -14.04
CA ASN A 149 -1.08 -28.16 -13.03
C ASN A 149 -1.89 -27.05 -13.69
N ALA A 150 -3.02 -26.74 -13.10
CA ALA A 150 -3.82 -25.58 -13.46
C ALA A 150 -3.73 -24.62 -12.29
N ILE A 151 -3.00 -23.52 -12.46
CA ILE A 151 -2.65 -22.65 -11.34
C ILE A 151 -3.37 -21.31 -11.48
N PHE A 152 -4.04 -20.90 -10.40
CA PHE A 152 -4.75 -19.64 -10.31
C PHE A 152 -4.16 -18.84 -9.16
N THR A 153 -3.93 -17.56 -9.37
CA THR A 153 -3.17 -16.77 -8.43
C THR A 153 -4.02 -15.63 -7.85
N PHE A 154 -3.51 -15.05 -6.78
CA PHE A 154 -4.14 -13.90 -6.18
C PHE A 154 -2.97 -13.09 -5.62
N PRO A 155 -2.83 -11.83 -6.00
CA PRO A 155 -1.61 -11.09 -5.69
C PRO A 155 -1.64 -10.53 -4.28
N ASN A 156 -0.51 -9.95 -3.90
CA ASN A 156 -0.30 -9.39 -2.57
C ASN A 156 -0.66 -7.92 -2.53
N THR A 157 -1.74 -7.54 -3.20
CA THR A 157 -2.15 -6.14 -3.31
C THR A 157 -3.65 -6.08 -3.15
N PRO A 158 -4.24 -4.90 -3.01
CA PRO A 158 -5.69 -4.80 -3.22
C PRO A 158 -6.00 -5.19 -4.66
N VAL A 159 -7.26 -5.48 -4.90
CA VAL A 159 -7.71 -6.10 -6.13
C VAL A 159 -9.13 -5.63 -6.37
N LYS A 160 -9.52 -5.49 -7.63
CA LYS A 160 -10.94 -5.38 -7.91
C LYS A 160 -11.50 -6.78 -8.06
N CYS A 161 -12.68 -6.98 -7.49
CA CYS A 161 -13.37 -8.27 -7.47
C CYS A 161 -12.50 -9.38 -6.89
N ALA A 162 -12.39 -9.41 -5.57
CA ALA A 162 -11.54 -10.41 -4.95
C ALA A 162 -12.00 -11.84 -5.25
N GLY A 163 -13.23 -12.03 -5.73
CA GLY A 163 -13.69 -13.37 -6.07
C GLY A 163 -13.29 -13.85 -7.45
N ALA A 164 -13.05 -12.94 -8.39
CA ALA A 164 -12.73 -13.35 -9.75
C ALA A 164 -11.51 -14.27 -9.86
N PRO A 165 -10.48 -14.17 -9.02
CA PRO A 165 -9.36 -15.10 -9.17
C PRO A 165 -9.71 -16.54 -8.84
N GLN A 166 -10.75 -16.79 -8.04
CA GLN A 166 -11.22 -18.16 -7.84
C GLN A 166 -12.48 -18.51 -8.62
N LYS A 167 -13.29 -17.53 -9.03
CA LYS A 167 -14.36 -17.84 -9.98
C LYS A 167 -13.83 -18.63 -11.17
N ILE A 168 -12.72 -18.19 -11.74
CA ILE A 168 -12.20 -18.85 -12.93
C ILE A 168 -11.61 -20.21 -12.57
N MET A 169 -11.29 -20.42 -11.30
CA MET A 169 -10.82 -21.74 -10.89
C MET A 169 -11.95 -22.74 -10.84
N TYR A 170 -13.09 -22.35 -10.23
CA TYR A 170 -14.26 -23.21 -10.24
C TYR A 170 -14.74 -23.46 -11.67
N LEU A 171 -14.75 -22.42 -12.51
CA LEU A 171 -15.15 -22.61 -13.90
C LEU A 171 -14.21 -23.57 -14.61
N SER A 172 -12.90 -23.41 -14.41
CA SER A 172 -11.95 -24.32 -15.02
C SER A 172 -12.18 -25.76 -14.55
N GLU A 173 -12.43 -25.94 -13.25
CA GLU A 173 -12.69 -27.27 -12.72
C GLU A 173 -13.91 -27.88 -13.39
N ALA A 174 -14.99 -27.11 -13.50
CA ALA A 174 -16.19 -27.59 -14.16
C ALA A 174 -15.92 -27.92 -15.63
N TYR A 175 -15.10 -27.11 -16.29
CA TYR A 175 -14.77 -27.40 -17.68
C TYR A 175 -13.97 -28.69 -17.80
N PHE A 176 -13.01 -28.91 -16.90
CA PHE A 176 -12.26 -30.16 -16.92
C PHE A 176 -13.18 -31.37 -16.77
N ARG A 177 -14.20 -31.26 -15.92
CA ARG A 177 -15.15 -32.36 -15.75
C ARG A 177 -16.04 -32.50 -16.98
N LYS A 178 -16.52 -31.39 -17.54
CA LYS A 178 -17.35 -31.43 -18.74
C LYS A 178 -16.63 -32.14 -19.89
N THR A 179 -15.32 -31.94 -20.04
CA THR A 179 -14.56 -32.49 -21.14
C THR A 179 -13.74 -33.72 -20.76
N GLY A 180 -14.03 -34.32 -19.60
CA GLY A 180 -13.41 -35.56 -19.17
C GLY A 180 -11.93 -35.52 -18.81
N LYS A 181 -11.31 -34.34 -18.68
CA LYS A 181 -9.91 -34.27 -18.27
C LYS A 181 -9.74 -33.79 -16.82
N ARG A 182 -10.76 -33.95 -15.98
CA ARG A 182 -10.59 -33.58 -14.57
C ARG A 182 -9.50 -34.42 -13.90
N SER A 183 -9.45 -35.71 -14.23
CA SER A 183 -8.44 -36.63 -13.70
C SER A 183 -7.03 -36.12 -13.95
N LYS A 184 -6.83 -35.41 -15.05
CA LYS A 184 -5.51 -35.01 -15.51
C LYS A 184 -5.12 -33.62 -15.04
N ALA A 185 -5.94 -32.98 -14.22
CA ALA A 185 -5.67 -31.62 -13.77
C ALA A 185 -5.43 -31.62 -12.27
N ASN A 186 -4.28 -31.08 -11.87
CA ASN A 186 -4.03 -30.71 -10.47
C ASN A 186 -4.30 -29.21 -10.36
N ILE A 187 -5.40 -28.84 -9.72
CA ILE A 187 -5.90 -27.48 -9.70
C ILE A 187 -5.44 -26.80 -8.43
N ILE A 188 -4.63 -25.75 -8.58
CA ILE A 188 -3.99 -25.07 -7.46
C ILE A 188 -4.38 -23.60 -7.47
N PHE A 189 -4.77 -23.09 -6.31
CA PHE A 189 -4.99 -21.67 -6.08
C PHE A 189 -3.90 -21.20 -5.12
N ASN A 190 -2.91 -20.48 -5.64
CA ASN A 190 -1.88 -19.85 -4.82
C ASN A 190 -2.30 -18.41 -4.59
N THR A 191 -2.82 -18.13 -3.41
CA THR A 191 -3.26 -16.79 -3.05
C THR A 191 -2.32 -16.18 -2.01
N SER A 192 -2.10 -14.87 -2.14
CA SER A 192 -1.35 -14.12 -1.16
C SER A 192 -2.06 -14.06 0.17
N LEU A 193 -3.37 -14.29 0.19
CA LEU A 193 -4.16 -14.08 1.38
C LEU A 193 -4.06 -15.30 2.31
N GLY A 194 -4.62 -15.14 3.50
CA GLY A 194 -4.66 -16.19 4.48
C GLY A 194 -6.01 -16.87 4.60
N ALA A 195 -7.00 -16.42 3.83
CA ALA A 195 -8.32 -17.03 3.82
C ALA A 195 -8.79 -17.12 2.37
N ILE A 196 -9.78 -17.98 2.14
CA ILE A 196 -10.30 -18.13 0.79
C ILE A 196 -11.25 -16.98 0.46
N PHE A 197 -11.93 -16.44 1.47
CA PHE A 197 -12.82 -15.31 1.28
C PHE A 197 -12.90 -14.59 2.62
N GLY A 198 -13.19 -13.30 2.58
CA GLY A 198 -13.16 -12.50 3.78
C GLY A 198 -14.43 -12.44 4.59
N VAL A 199 -15.54 -12.99 4.09
CA VAL A 199 -16.79 -13.10 4.82
C VAL A 199 -17.02 -14.56 5.17
N LYS A 200 -17.33 -14.82 6.45
CA LYS A 200 -17.31 -16.17 6.99
C LYS A 200 -18.31 -17.07 6.27
N LYS A 201 -19.56 -16.62 6.17
CA LYS A 201 -20.60 -17.43 5.54
C LYS A 201 -20.16 -17.93 4.17
N TYR A 202 -19.71 -17.03 3.30
CA TYR A 202 -19.35 -17.47 1.96
C TYR A 202 -18.00 -18.16 1.94
N ALA A 203 -17.09 -17.82 2.85
CA ALA A 203 -15.83 -18.54 2.93
C ALA A 203 -16.07 -20.00 3.27
N ASP A 204 -16.97 -20.29 4.21
CA ASP A 204 -17.32 -21.68 4.51
C ASP A 204 -17.91 -22.39 3.31
N ALA A 205 -18.83 -21.73 2.60
CA ALA A 205 -19.44 -22.31 1.40
C ALA A 205 -18.38 -22.62 0.34
N LEU A 206 -17.41 -21.72 0.16
CA LEU A 206 -16.35 -21.98 -0.80
C LEU A 206 -15.44 -23.09 -0.32
N GLN A 207 -15.22 -23.18 0.99
CA GLN A 207 -14.39 -24.24 1.55
C GLN A 207 -14.97 -25.61 1.24
N GLU A 208 -16.28 -25.78 1.42
CA GLU A 208 -16.97 -27.01 1.01
C GLU A 208 -16.69 -27.34 -0.46
N ILE A 209 -16.75 -26.33 -1.34
CA ILE A 209 -16.48 -26.60 -2.75
C ILE A 209 -15.03 -27.04 -2.94
N ILE A 210 -14.11 -26.40 -2.23
CA ILE A 210 -12.69 -26.72 -2.36
C ILE A 210 -12.44 -28.17 -1.95
N GLN A 211 -13.00 -28.59 -0.82
CA GLN A 211 -12.86 -29.98 -0.41
C GLN A 211 -13.57 -30.91 -1.40
N GLU A 212 -14.85 -30.65 -1.64
CA GLU A 212 -15.68 -31.49 -2.49
C GLU A 212 -15.08 -31.69 -3.89
N ARG A 213 -14.37 -30.70 -4.44
CA ARG A 213 -13.86 -30.79 -5.81
C ARG A 213 -12.35 -30.93 -5.87
N ASN A 214 -11.73 -31.34 -4.77
CA ASN A 214 -10.30 -31.66 -4.71
C ASN A 214 -9.46 -30.50 -5.23
N LEU A 215 -9.81 -29.30 -4.76
CA LEU A 215 -9.02 -28.12 -5.08
C LEU A 215 -7.91 -27.98 -4.06
N THR A 216 -6.76 -27.52 -4.51
CA THR A 216 -5.67 -27.18 -3.61
C THR A 216 -5.57 -25.66 -3.52
N VAL A 217 -5.56 -25.15 -2.30
CA VAL A 217 -5.32 -23.74 -2.01
C VAL A 217 -4.06 -23.63 -1.17
N ASN A 218 -3.07 -22.95 -1.68
CA ASN A 218 -1.88 -22.65 -0.92
C ASN A 218 -1.98 -21.19 -0.50
N TYR A 219 -2.05 -20.96 0.80
CA TYR A 219 -2.19 -19.61 1.31
C TYR A 219 -0.82 -18.96 1.47
N LYS A 220 -0.84 -17.63 1.47
CA LYS A 220 0.38 -16.83 1.58
C LYS A 220 1.42 -17.20 0.53
N LYS A 221 0.95 -17.59 -0.66
CA LYS A 221 1.82 -17.84 -1.81
C LYS A 221 1.51 -16.80 -2.87
N ASN A 222 2.53 -16.05 -3.28
CA ASN A 222 2.35 -14.90 -4.19
C ASN A 222 3.20 -15.14 -5.43
N LEU A 223 2.57 -15.05 -6.60
CA LEU A 223 3.31 -15.10 -7.85
C LEU A 223 4.23 -13.89 -7.96
N ILE A 224 5.49 -14.16 -8.25
CA ILE A 224 6.48 -13.11 -8.49
C ILE A 224 7.14 -13.22 -9.86
N GLU A 225 7.01 -14.34 -10.55
CA GLU A 225 7.67 -14.44 -11.84
C GLU A 225 6.94 -15.45 -12.70
N VAL A 226 6.94 -15.19 -13.99
CA VAL A 226 6.47 -16.14 -15.00
C VAL A 226 7.60 -16.35 -15.99
N ARG A 227 7.96 -17.62 -16.19
CA ARG A 227 8.82 -18.02 -17.29
C ARG A 227 7.92 -18.75 -18.28
N ALA A 228 7.27 -17.96 -19.14
CA ALA A 228 6.18 -18.49 -19.95
C ALA A 228 6.69 -19.44 -21.03
N ASP A 229 7.93 -19.23 -21.51
CA ASP A 229 8.48 -20.14 -22.51
C ASP A 229 8.67 -21.53 -21.93
N LYS A 230 9.07 -21.62 -20.67
CA LYS A 230 9.24 -22.87 -19.95
C LYS A 230 7.99 -23.32 -19.22
N GLN A 231 6.88 -22.58 -19.33
CA GLN A 231 5.63 -22.90 -18.64
C GLN A 231 5.86 -23.10 -17.14
N GLU A 232 6.66 -22.21 -16.56
CA GLU A 232 6.97 -22.24 -15.13
C GLU A 232 6.53 -20.94 -14.47
N ALA A 233 6.05 -21.05 -13.23
CA ALA A 233 5.69 -19.92 -12.40
C ALA A 233 6.48 -19.97 -11.09
N VAL A 234 6.94 -18.82 -10.62
CA VAL A 234 7.68 -18.71 -9.36
C VAL A 234 6.79 -17.99 -8.35
N PHE A 235 6.52 -18.66 -7.23
CA PHE A 235 5.77 -18.09 -6.13
C PHE A 235 6.65 -17.88 -4.92
N GLU A 236 6.44 -16.75 -4.24
CA GLU A 236 7.13 -16.48 -2.99
C GLU A 236 6.23 -16.86 -1.83
N ASN A 237 6.82 -17.38 -0.77
CA ASN A 237 6.08 -17.68 0.45
C ASN A 237 6.15 -16.42 1.31
N LEU A 238 5.01 -15.74 1.44
CA LEU A 238 5.00 -14.50 2.21
C LEU A 238 5.20 -14.74 3.70
N ASP A 239 4.93 -15.96 4.19
CA ASP A 239 5.20 -16.32 5.57
C ASP A 239 6.67 -16.61 5.84
N LYS A 240 7.43 -16.99 4.82
CA LYS A 240 8.86 -17.25 4.96
C LYS A 240 9.58 -16.43 3.90
N PRO A 241 9.82 -15.14 4.17
CA PRO A 241 10.52 -14.28 3.21
C PRO A 241 11.80 -14.90 2.70
N GLY A 242 12.05 -14.74 1.40
CA GLY A 242 13.20 -15.32 0.74
C GLY A 242 12.94 -16.68 0.13
N GLU A 243 12.05 -17.46 0.73
CA GLU A 243 11.70 -18.77 0.21
C GLU A 243 10.78 -18.62 -1.01
N THR A 244 11.16 -19.26 -2.12
CA THR A 244 10.34 -19.27 -3.32
C THR A 244 10.13 -20.70 -3.79
N GLN A 245 9.25 -20.84 -4.77
CA GLN A 245 8.93 -22.15 -5.33
C GLN A 245 8.68 -22.03 -6.82
N VAL A 246 9.35 -22.87 -7.60
CA VAL A 246 9.15 -22.98 -9.04
C VAL A 246 8.23 -24.16 -9.31
N ILE A 247 7.09 -23.89 -9.92
CA ILE A 247 6.11 -24.93 -10.22
C ILE A 247 5.76 -24.87 -11.71
N SER A 248 5.66 -26.03 -12.32
CA SER A 248 5.24 -26.13 -13.72
C SER A 248 3.73 -26.03 -13.79
N TYR A 249 3.23 -25.41 -14.85
CA TYR A 249 1.80 -25.39 -15.06
C TYR A 249 1.47 -25.84 -16.47
N GLU A 250 0.31 -26.49 -16.59
CA GLU A 250 -0.33 -26.67 -17.88
C GLU A 250 -1.27 -25.53 -18.21
N MET A 251 -1.74 -24.81 -17.19
CA MET A 251 -2.56 -23.62 -17.35
C MET A 251 -2.29 -22.71 -16.17
N LEU A 252 -2.10 -21.43 -16.46
CA LEU A 252 -1.89 -20.42 -15.42
C LEU A 252 -2.85 -19.27 -15.67
N HIS A 253 -3.70 -18.97 -14.69
CA HIS A 253 -4.44 -17.72 -14.70
C HIS A 253 -3.81 -16.74 -13.71
N VAL A 254 -3.35 -15.60 -14.22
CA VAL A 254 -2.65 -14.62 -13.41
C VAL A 254 -3.62 -13.54 -12.98
N THR A 255 -3.76 -13.32 -11.68
CA THR A 255 -4.44 -12.10 -11.24
C THR A 255 -3.36 -11.07 -10.98
N PRO A 256 -3.29 -9.98 -11.76
CA PRO A 256 -2.13 -9.11 -11.66
C PRO A 256 -2.14 -8.38 -10.35
N PRO A 257 -0.97 -8.01 -9.82
CA PRO A 257 -0.93 -6.99 -8.78
C PRO A 257 -1.58 -5.73 -9.30
N MET A 258 -2.32 -5.06 -8.42
CA MET A 258 -3.04 -3.85 -8.76
C MET A 258 -2.71 -2.78 -7.75
N SER A 259 -2.96 -1.54 -8.14
CA SER A 259 -2.49 -0.39 -7.37
C SER A 259 -3.34 0.80 -7.76
N PRO A 260 -3.32 1.86 -6.95
CA PRO A 260 -3.97 3.10 -7.37
C PRO A 260 -3.42 3.53 -8.72
N PRO A 261 -4.23 4.14 -9.57
CA PRO A 261 -3.69 4.74 -10.80
C PRO A 261 -2.48 5.61 -10.51
N ASP A 262 -1.47 5.50 -11.37
CA ASP A 262 -0.22 6.23 -11.19
C ASP A 262 -0.45 7.73 -10.93
N VAL A 263 -1.38 8.36 -11.66
CA VAL A 263 -1.63 9.78 -11.46
C VAL A 263 -2.15 10.06 -10.06
N LEU A 264 -2.88 9.10 -9.46
CA LEU A 264 -3.37 9.29 -8.10
C LEU A 264 -2.32 9.01 -7.05
N LYS A 265 -1.32 8.16 -7.38
CA LYS A 265 -0.36 7.69 -6.38
C LYS A 265 0.32 8.83 -5.66
N THR A 266 0.67 9.89 -6.40
CA THR A 266 1.48 10.99 -5.88
C THR A 266 0.66 12.26 -5.72
N SER A 267 -0.61 12.14 -5.80
CA SER A 267 -1.50 13.28 -5.86
C SER A 267 -1.87 13.76 -4.46
N PRO A 268 -2.09 15.06 -4.28
CA PRO A 268 -2.62 15.53 -2.98
C PRO A 268 -3.96 14.92 -2.64
N VAL A 269 -4.74 14.44 -3.62
CA VAL A 269 -6.06 13.91 -3.31
C VAL A 269 -6.00 12.52 -2.74
N ALA A 270 -4.86 11.85 -2.84
CA ALA A 270 -4.69 10.49 -2.36
C ALA A 270 -4.40 10.49 -0.87
N ASP A 271 -4.75 9.40 -0.20
CA ASP A 271 -4.16 9.13 1.10
C ASP A 271 -2.72 8.66 0.91
N ALA A 272 -2.06 8.29 2.02
CA ALA A 272 -0.66 7.92 1.95
C ALA A 272 -0.45 6.71 1.04
N ALA A 273 -1.47 5.86 0.90
CA ALA A 273 -1.41 4.64 0.12
C ALA A 273 -1.65 4.88 -1.37
N GLY A 274 -2.20 6.03 -1.75
CA GLY A 274 -2.49 6.33 -3.13
C GLY A 274 -3.96 6.37 -3.46
N TRP A 275 -4.83 5.90 -2.58
CA TRP A 275 -6.25 5.84 -2.88
C TRP A 275 -6.88 7.21 -2.62
N VAL A 276 -7.97 7.50 -3.33
CA VAL A 276 -8.63 8.78 -3.14
C VAL A 276 -9.17 8.84 -1.71
N ASP A 277 -8.76 9.86 -0.98
CA ASP A 277 -8.96 9.93 0.47
C ASP A 277 -10.33 10.54 0.76
N VAL A 278 -11.38 9.71 0.82
CA VAL A 278 -12.73 10.23 0.97
C VAL A 278 -13.33 9.81 2.31
N ASP A 279 -14.33 10.56 2.74
CA ASP A 279 -15.14 10.17 3.89
C ASP A 279 -15.77 8.81 3.60
N LYS A 280 -15.61 7.87 4.54
CA LYS A 280 -16.00 6.51 4.22
C LYS A 280 -17.50 6.33 4.21
N GLU A 281 -18.25 7.35 4.61
CA GLU A 281 -19.71 7.32 4.59
C GLU A 281 -20.34 8.19 3.52
N THR A 282 -19.74 9.33 3.17
CA THR A 282 -20.35 10.24 2.22
C THR A 282 -19.65 10.28 0.88
N LEU A 283 -18.41 9.78 0.80
CA LEU A 283 -17.55 9.78 -0.38
C LEU A 283 -17.11 11.18 -0.75
N GLN A 284 -17.30 12.16 0.13
CA GLN A 284 -16.68 13.46 -0.03
C GLN A 284 -15.22 13.40 0.41
N HIS A 285 -14.35 14.05 -0.36
CA HIS A 285 -12.94 14.01 0.00
C HIS A 285 -12.76 14.61 1.38
N ARG A 286 -11.83 14.04 2.15
CA ARG A 286 -11.60 14.46 3.53
C ARG A 286 -10.93 15.82 3.63
N ARG A 287 -10.14 16.21 2.63
CA ARG A 287 -9.41 17.46 2.68
C ARG A 287 -9.85 18.49 1.66
N TYR A 288 -10.48 18.07 0.58
CA TYR A 288 -10.92 18.99 -0.48
C TYR A 288 -12.42 18.86 -0.64
N PRO A 289 -13.20 19.79 -0.06
CA PRO A 289 -14.65 19.55 0.06
C PRO A 289 -15.39 19.54 -1.27
N ASN A 290 -14.81 20.08 -2.35
CA ASN A 290 -15.43 19.97 -3.66
C ASN A 290 -14.89 18.77 -4.44
N VAL A 291 -14.29 17.79 -3.76
CA VAL A 291 -13.77 16.61 -4.42
C VAL A 291 -14.51 15.39 -3.88
N PHE A 292 -14.83 14.47 -4.77
CA PHE A 292 -15.54 13.25 -4.45
C PHE A 292 -14.85 12.10 -5.16
N GLY A 293 -14.98 10.90 -4.60
CA GLY A 293 -14.43 9.71 -5.21
C GLY A 293 -15.43 8.58 -5.17
N ILE A 294 -15.30 7.69 -6.14
CA ILE A 294 -16.20 6.54 -6.25
C ILE A 294 -15.42 5.36 -6.83
N GLY A 295 -15.69 4.17 -6.30
CA GLY A 295 -15.24 2.96 -6.96
C GLY A 295 -13.82 2.59 -6.58
N ASP A 296 -13.17 1.88 -7.51
CA ASP A 296 -11.93 1.19 -7.20
C ASP A 296 -10.83 2.15 -6.77
N CYS A 297 -10.87 3.39 -7.26
CA CYS A 297 -9.77 4.30 -6.95
C CYS A 297 -9.82 4.85 -5.53
N THR A 298 -10.89 4.59 -4.80
CA THR A 298 -11.02 5.21 -3.49
C THR A 298 -10.42 4.34 -2.40
N ASN A 299 -10.31 4.93 -1.20
CA ASN A 299 -9.87 4.20 -0.03
C ASN A 299 -11.03 3.61 0.75
N LEU A 300 -12.23 3.53 0.16
CA LEU A 300 -13.34 2.93 0.87
C LEU A 300 -12.99 1.50 1.25
N PRO A 301 -13.04 1.14 2.53
CA PRO A 301 -12.57 -0.20 2.95
C PRO A 301 -13.66 -1.24 2.78
N THR A 302 -14.05 -1.45 1.54
CA THR A 302 -14.92 -2.56 1.18
C THR A 302 -14.39 -3.17 -0.10
N SER A 303 -15.00 -4.25 -0.54
CA SER A 303 -14.42 -4.91 -1.71
C SER A 303 -14.68 -4.05 -2.94
N LYS A 304 -13.73 -4.06 -3.86
CA LYS A 304 -13.76 -3.17 -5.04
C LYS A 304 -14.51 -3.88 -6.16
N THR A 305 -15.81 -3.58 -6.26
CA THR A 305 -16.73 -4.18 -7.20
C THR A 305 -17.57 -3.12 -7.87
N ALA A 306 -18.15 -3.49 -9.01
CA ALA A 306 -19.11 -2.59 -9.66
C ALA A 306 -20.38 -2.45 -8.84
N ALA A 307 -20.76 -3.51 -8.10
CA ALA A 307 -21.91 -3.43 -7.21
C ALA A 307 -21.69 -2.37 -6.14
N ALA A 308 -20.47 -2.31 -5.61
CA ALA A 308 -20.15 -1.26 -4.65
C ALA A 308 -20.21 0.10 -5.32
N VAL A 309 -19.74 0.17 -6.58
CA VAL A 309 -19.89 1.40 -7.36
C VAL A 309 -21.34 1.82 -7.43
N ALA A 310 -22.25 0.89 -7.76
CA ALA A 310 -23.67 1.23 -7.87
C ALA A 310 -24.22 1.79 -6.57
N ALA A 311 -24.02 1.09 -5.45
CA ALA A 311 -24.48 1.58 -4.16
C ALA A 311 -23.81 2.90 -3.81
N GLN A 312 -22.48 2.99 -4.02
CA GLN A 312 -21.77 4.26 -3.84
C GLN A 312 -22.34 5.40 -4.67
N SER A 313 -22.83 5.12 -5.90
CA SER A 313 -23.30 6.20 -6.75
C SER A 313 -24.59 6.80 -6.22
N GLY A 314 -25.46 5.97 -5.61
CA GLY A 314 -26.62 6.50 -4.93
C GLY A 314 -26.25 7.39 -3.76
N ILE A 315 -25.26 6.97 -2.96
CA ILE A 315 -24.84 7.81 -1.83
C ILE A 315 -24.23 9.11 -2.34
N LEU A 316 -23.30 9.00 -3.29
CA LEU A 316 -22.56 10.18 -3.75
C LEU A 316 -23.46 11.16 -4.47
N ASP A 317 -24.49 10.67 -5.17
CA ASP A 317 -25.51 11.55 -5.74
C ASP A 317 -26.14 12.42 -4.65
N ARG A 318 -26.57 11.79 -3.55
CA ARG A 318 -27.10 12.55 -2.42
C ARG A 318 -26.05 13.47 -1.82
N THR A 319 -24.82 12.99 -1.65
CA THR A 319 -23.78 13.80 -1.04
C THR A 319 -23.54 15.08 -1.84
N ILE A 320 -23.37 14.94 -3.15
CA ILE A 320 -23.05 16.11 -3.97
C ILE A 320 -24.23 17.10 -3.98
N SER A 321 -25.46 16.59 -4.08
CA SER A 321 -26.63 17.47 -4.07
C SER A 321 -26.71 18.24 -2.75
N VAL A 322 -26.43 17.57 -1.64
CA VAL A 322 -26.42 18.25 -0.35
C VAL A 322 -25.26 19.25 -0.27
N ILE A 323 -24.08 18.89 -0.77
CA ILE A 323 -22.94 19.83 -0.75
C ILE A 323 -23.24 21.05 -1.60
N MET A 324 -24.00 20.88 -2.69
CA MET A 324 -24.29 22.01 -3.58
C MET A 324 -25.22 23.00 -2.88
N LYS A 325 -26.17 22.51 -2.09
CA LYS A 325 -27.00 23.33 -1.22
C LYS A 325 -26.23 23.87 -0.01
N ASN A 326 -24.92 23.64 0.07
CA ASN A 326 -24.11 23.99 1.25
C ASN A 326 -24.72 23.46 2.54
N GLN A 327 -25.16 22.21 2.50
CA GLN A 327 -25.69 21.51 3.66
C GLN A 327 -24.77 20.36 4.00
N THR A 328 -25.05 19.71 5.10
CA THR A 328 -24.20 18.64 5.54
C THR A 328 -24.79 17.30 5.12
N PRO A 329 -24.01 16.42 4.48
CA PRO A 329 -24.57 15.15 4.01
C PRO A 329 -25.02 14.30 5.19
N THR A 330 -26.21 13.71 5.04
CA THR A 330 -26.76 12.85 6.08
C THR A 330 -26.91 11.39 5.64
N LYS A 331 -26.97 11.12 4.34
CA LYS A 331 -27.09 9.76 3.85
C LYS A 331 -25.71 9.11 3.80
N LYS A 332 -25.56 7.98 4.49
CA LYS A 332 -24.28 7.32 4.72
C LYS A 332 -24.16 6.06 3.86
N TYR A 333 -22.98 5.84 3.28
CA TYR A 333 -22.68 4.57 2.63
C TYR A 333 -22.40 3.52 3.70
N ASP A 334 -22.85 2.30 3.47
CA ASP A 334 -22.68 1.23 4.44
C ASP A 334 -21.61 0.24 4.03
N GLY A 335 -20.85 0.55 2.99
CA GLY A 335 -19.90 -0.42 2.50
C GLY A 335 -20.51 -1.51 1.67
N TYR A 336 -21.75 -1.34 1.18
CA TYR A 336 -22.38 -2.41 0.44
C TYR A 336 -21.50 -2.82 -0.73
N THR A 337 -21.29 -4.13 -0.85
CA THR A 337 -20.60 -4.65 -2.02
C THR A 337 -21.16 -6.03 -2.29
N SER A 338 -20.82 -6.56 -3.44
CA SER A 338 -21.38 -7.84 -3.82
C SER A 338 -20.37 -8.55 -4.68
N CYS A 339 -20.29 -9.86 -4.50
CA CYS A 339 -19.38 -10.69 -5.29
C CYS A 339 -20.17 -11.90 -5.77
N PRO A 340 -20.64 -11.89 -7.01
CA PRO A 340 -21.33 -13.07 -7.52
C PRO A 340 -20.31 -14.16 -7.83
N LEU A 341 -20.09 -15.04 -6.87
CA LEU A 341 -19.08 -16.09 -6.98
C LEU A 341 -19.57 -17.17 -7.91
N VAL A 342 -19.12 -17.10 -9.17
CA VAL A 342 -19.42 -18.15 -10.14
C VAL A 342 -18.68 -19.41 -9.70
N THR A 343 -19.43 -20.42 -9.28
CA THR A 343 -18.83 -21.69 -8.87
C THR A 343 -18.97 -22.77 -9.93
N GLY A 344 -19.61 -22.47 -11.05
CA GLY A 344 -19.67 -23.38 -12.17
C GLY A 344 -20.41 -22.71 -13.31
N TYR A 345 -20.58 -23.45 -14.40
CA TYR A 345 -21.20 -22.83 -15.56
C TYR A 345 -22.66 -22.51 -15.34
N ASN A 346 -23.24 -22.95 -14.23
CA ASN A 346 -24.65 -22.67 -13.99
C ASN A 346 -24.95 -22.37 -12.54
N ARG A 347 -23.97 -21.95 -11.76
CA ARG A 347 -24.17 -21.71 -10.34
C ARG A 347 -23.39 -20.48 -9.91
N VAL A 348 -24.03 -19.68 -9.06
CA VAL A 348 -23.38 -18.55 -8.43
C VAL A 348 -23.72 -18.55 -6.94
N ILE A 349 -22.70 -18.36 -6.11
CA ILE A 349 -22.88 -17.98 -4.72
C ILE A 349 -22.86 -16.45 -4.66
N LEU A 350 -23.99 -15.83 -4.39
CA LEU A 350 -24.09 -14.38 -4.42
C LEU A 350 -23.67 -13.83 -3.06
N ALA A 351 -22.39 -13.56 -2.92
CA ALA A 351 -21.90 -12.87 -1.72
C ALA A 351 -22.30 -11.42 -1.78
N GLU A 352 -23.07 -10.96 -0.79
CA GLU A 352 -23.33 -9.55 -0.57
C GLU A 352 -22.99 -9.23 0.88
N PHE A 353 -22.24 -8.15 1.08
CA PHE A 353 -21.88 -7.79 2.44
C PHE A 353 -21.64 -6.29 2.50
N ASP A 354 -21.35 -5.81 3.71
CA ASP A 354 -21.17 -4.40 3.95
C ASP A 354 -19.81 -4.14 4.62
N TYR A 355 -19.65 -2.94 5.14
CA TYR A 355 -18.40 -2.57 5.81
C TYR A 355 -18.01 -3.56 6.90
N LYS A 356 -18.99 -4.11 7.63
CA LYS A 356 -18.68 -5.03 8.73
C LYS A 356 -18.21 -6.39 8.24
N ALA A 357 -18.21 -6.63 6.93
CA ALA A 357 -17.88 -7.94 6.38
C ALA A 357 -18.85 -8.99 6.91
N GLU A 358 -20.10 -8.60 7.11
CA GLU A 358 -21.15 -9.53 7.47
C GLU A 358 -22.20 -9.60 6.36
N PRO A 359 -22.82 -10.76 6.15
CA PRO A 359 -23.77 -10.88 5.04
C PRO A 359 -24.84 -9.81 5.10
N LEU A 360 -25.18 -9.27 3.93
CA LEU A 360 -26.25 -8.31 3.76
C LEU A 360 -26.99 -8.72 2.49
N GLU A 361 -27.65 -9.88 2.54
CA GLU A 361 -28.16 -10.52 1.34
C GLU A 361 -29.46 -9.88 0.85
N THR A 362 -29.60 -9.79 -0.46
CA THR A 362 -30.75 -9.09 -0.99
C THR A 362 -31.98 -9.97 -0.95
N PHE A 363 -31.82 -11.19 -1.24
CA PHE A 363 -32.93 -12.11 -1.47
C PHE A 363 -33.27 -12.88 -0.21
N PRO A 364 -34.55 -13.25 -0.04
CA PRO A 364 -34.95 -13.91 1.20
C PRO A 364 -34.31 -15.27 1.39
N PHE A 365 -33.84 -15.92 0.32
CA PHE A 365 -33.18 -17.21 0.48
C PHE A 365 -31.72 -17.05 0.86
N ASP A 366 -31.11 -18.19 1.19
CA ASP A 366 -29.71 -18.25 1.61
C ASP A 366 -28.82 -18.24 0.39
N GLN A 367 -28.17 -17.10 0.13
CA GLN A 367 -27.32 -16.95 -1.04
C GLN A 367 -26.00 -17.70 -0.92
N SER A 368 -25.67 -18.25 0.25
CA SER A 368 -24.45 -19.05 0.34
C SER A 368 -24.56 -20.33 -0.46
N LYS A 369 -25.79 -20.78 -0.77
CA LYS A 369 -25.97 -21.93 -1.64
C LYS A 369 -25.69 -21.58 -3.09
N GLU A 370 -25.06 -22.52 -3.81
CA GLU A 370 -24.86 -22.37 -5.24
C GLU A 370 -26.20 -22.35 -5.96
N ARG A 371 -26.51 -21.25 -6.63
CA ARG A 371 -27.84 -21.11 -7.18
C ARG A 371 -27.79 -20.93 -8.68
N LEU A 372 -28.75 -21.57 -9.36
CA LEU A 372 -28.98 -21.29 -10.77
C LEU A 372 -29.52 -19.88 -10.96
N SER A 373 -30.51 -19.48 -10.15
CA SER A 373 -31.11 -18.17 -10.35
C SER A 373 -30.04 -17.08 -10.31
N MET A 374 -29.09 -17.20 -9.36
CA MET A 374 -28.06 -16.20 -9.22
C MET A 374 -27.06 -16.26 -10.36
N TYR A 375 -26.81 -17.45 -10.92
CA TYR A 375 -25.99 -17.50 -12.12
C TYR A 375 -26.63 -16.73 -13.26
N LEU A 376 -27.90 -17.05 -13.57
CA LEU A 376 -28.63 -16.34 -14.61
C LEU A 376 -28.63 -14.84 -14.34
N MET A 377 -28.82 -14.45 -13.09
CA MET A 377 -28.79 -13.03 -12.79
C MET A 377 -27.46 -12.42 -13.16
N LYS A 378 -26.36 -13.12 -12.83
CA LYS A 378 -25.04 -12.56 -13.09
C LYS A 378 -24.68 -12.59 -14.57
N ALA A 379 -25.05 -13.67 -15.28
CA ALA A 379 -24.59 -13.85 -16.65
C ALA A 379 -25.44 -13.08 -17.66
N ASP A 380 -26.72 -12.87 -17.37
CA ASP A 380 -27.62 -12.30 -18.36
C ASP A 380 -28.37 -11.07 -17.91
N LEU A 381 -28.78 -11.01 -16.65
CA LEU A 381 -29.51 -9.84 -16.20
C LEU A 381 -28.57 -8.66 -15.93
N MET A 382 -27.51 -8.89 -15.14
CA MET A 382 -26.61 -7.80 -14.74
C MET A 382 -25.96 -7.03 -15.89
N PRO A 383 -25.46 -7.66 -16.95
CA PRO A 383 -24.98 -6.84 -18.06
C PRO A 383 -26.07 -5.94 -18.63
N PHE A 384 -27.27 -6.47 -18.84
CA PHE A 384 -28.35 -5.64 -19.33
C PHE A 384 -28.63 -4.47 -18.38
N LEU A 385 -28.75 -4.74 -17.09
CA LEU A 385 -29.05 -3.65 -16.18
C LEU A 385 -27.86 -2.70 -16.06
N TYR A 386 -26.63 -3.19 -16.25
CA TYR A 386 -25.48 -2.32 -16.28
C TYR A 386 -25.60 -1.31 -17.42
N TRP A 387 -25.74 -1.80 -18.66
CA TRP A 387 -25.70 -0.90 -19.81
C TRP A 387 -26.90 0.04 -19.83
N ASN A 388 -28.08 -0.45 -19.46
CA ASN A 388 -29.32 0.27 -19.69
C ASN A 388 -29.83 0.96 -18.44
N MET A 389 -29.23 0.68 -17.29
CA MET A 389 -29.74 1.25 -16.07
C MET A 389 -28.60 1.87 -15.28
N MET A 390 -27.60 1.07 -14.90
CA MET A 390 -26.53 1.61 -14.06
C MET A 390 -25.83 2.77 -14.76
N LEU A 391 -25.40 2.57 -16.01
CA LEU A 391 -24.69 3.62 -16.73
C LEU A 391 -25.56 4.84 -16.99
N ARG A 392 -26.89 4.68 -17.05
CA ARG A 392 -27.77 5.82 -17.16
C ARG A 392 -28.02 6.49 -15.81
N GLY A 393 -27.47 5.93 -14.72
CA GLY A 393 -27.59 6.52 -13.41
C GLY A 393 -28.87 6.16 -12.69
N TYR A 394 -29.51 5.06 -13.05
CA TYR A 394 -30.76 4.66 -12.43
C TYR A 394 -30.62 3.46 -11.49
N TRP A 395 -29.39 3.07 -11.15
CA TRP A 395 -29.12 1.91 -10.31
C TRP A 395 -28.18 2.32 -9.17
N GLY A 396 -28.68 2.23 -7.94
CA GLY A 396 -27.87 2.53 -6.78
C GLY A 396 -27.78 1.36 -5.82
N GLY A 397 -27.72 0.15 -6.37
CA GLY A 397 -27.60 -1.03 -5.56
C GLY A 397 -28.94 -1.59 -5.17
N PRO A 398 -28.96 -2.79 -4.60
CA PRO A 398 -30.22 -3.49 -4.41
C PRO A 398 -30.81 -3.35 -3.01
N ALA A 399 -30.48 -2.24 -2.33
CA ALA A 399 -30.93 -2.07 -0.96
C ALA A 399 -32.45 -1.96 -0.89
N PHE A 400 -33.05 -1.22 -1.82
CA PHE A 400 -34.50 -1.10 -1.86
C PHE A 400 -35.14 -2.47 -2.07
N LEU A 401 -34.56 -3.29 -2.94
CA LEU A 401 -35.02 -4.66 -3.12
C LEU A 401 -34.92 -5.44 -1.82
N ARG A 402 -33.80 -5.32 -1.11
CA ARG A 402 -33.64 -6.03 0.16
C ARG A 402 -34.71 -5.63 1.16
N LYS A 403 -35.00 -4.32 1.24
CA LYS A 403 -36.01 -3.86 2.17
C LYS A 403 -37.42 -4.22 1.70
N LEU A 404 -37.67 -4.21 0.39
CA LEU A 404 -38.96 -4.68 -0.13
C LEU A 404 -39.13 -6.19 0.02
N PHE A 405 -38.03 -6.95 -0.03
CA PHE A 405 -38.15 -8.40 0.16
C PHE A 405 -38.33 -8.78 1.62
N HIS A 406 -38.15 -7.84 2.54
CA HIS A 406 -38.28 -8.14 3.95
C HIS A 406 -39.57 -7.50 4.46
N LEU A 407 -40.69 -7.86 3.82
CA LEU A 407 -42.03 -7.48 4.25
C LEU A 407 -42.80 -8.71 4.75
N ASN B 2 26.48 12.09 -18.56
CA ASN B 2 27.18 11.81 -17.30
C ASN B 2 27.00 10.36 -16.86
N HIS B 3 28.08 9.71 -16.43
CA HIS B 3 28.03 8.27 -16.19
C HIS B 3 28.82 7.91 -14.95
N TYR B 4 28.31 6.96 -14.18
CA TYR B 4 29.03 6.43 -13.02
C TYR B 4 28.86 4.93 -12.98
N GLU B 5 29.96 4.24 -12.65
CA GLU B 5 29.88 2.80 -12.48
C GLU B 5 28.82 2.42 -11.46
N VAL B 6 28.75 3.15 -10.35
CA VAL B 6 27.77 2.89 -9.31
C VAL B 6 27.13 4.22 -8.93
N LEU B 7 25.82 4.32 -9.16
CA LEU B 7 25.07 5.51 -8.80
C LEU B 7 24.22 5.16 -7.59
N VAL B 8 24.34 5.97 -6.54
CA VAL B 8 23.61 5.75 -5.30
C VAL B 8 22.57 6.84 -5.19
N LEU B 9 21.29 6.44 -5.06
CA LEU B 9 20.18 7.38 -4.95
C LEU B 9 19.84 7.51 -3.47
N GLY B 10 20.10 8.69 -2.92
CA GLY B 10 19.88 8.91 -1.51
C GLY B 10 21.18 8.98 -0.74
N GLY B 11 21.36 10.07 -0.01
CA GLY B 11 22.52 10.23 0.84
C GLY B 11 22.14 10.16 2.29
N GLY B 12 21.21 9.26 2.62
CA GLY B 12 20.85 8.96 4.00
C GLY B 12 21.68 7.83 4.52
N SER B 13 21.12 7.06 5.46
CA SER B 13 21.87 6.00 6.12
C SER B 13 22.34 4.97 5.12
N GLY B 14 21.44 4.43 4.31
CA GLY B 14 21.82 3.36 3.42
C GLY B 14 22.70 3.88 2.30
N GLY B 15 22.39 5.06 1.79
CA GLY B 15 23.12 5.57 0.66
C GLY B 15 24.57 5.85 0.98
N ILE B 16 24.81 6.57 2.07
CA ILE B 16 26.19 6.87 2.46
C ILE B 16 26.94 5.58 2.78
N THR B 17 26.31 4.71 3.55
CA THR B 17 26.90 3.41 3.87
C THR B 17 27.30 2.67 2.59
N MET B 18 26.39 2.64 1.61
CA MET B 18 26.67 1.86 0.41
C MET B 18 27.66 2.58 -0.48
N ALA B 19 27.62 3.91 -0.49
CA ALA B 19 28.62 4.65 -1.25
C ALA B 19 30.01 4.42 -0.68
N ALA B 20 30.13 4.34 0.65
CA ALA B 20 31.42 4.08 1.28
C ALA B 20 31.93 2.70 0.92
N ARG B 21 31.06 1.69 1.02
CA ARG B 21 31.47 0.34 0.64
C ARG B 21 31.83 0.29 -0.82
N MET B 22 31.00 0.89 -1.69
CA MET B 22 31.25 0.82 -3.12
C MET B 22 32.48 1.61 -3.53
N LYS B 23 32.77 2.70 -2.81
CA LYS B 23 34.02 3.41 -3.06
C LYS B 23 35.19 2.44 -2.96
N ARG B 24 35.18 1.61 -1.91
CA ARG B 24 36.21 0.61 -1.70
C ARG B 24 36.20 -0.48 -2.73
N LYS B 25 35.15 -0.62 -3.52
CA LYS B 25 35.13 -1.71 -4.47
C LYS B 25 35.35 -1.23 -5.89
N VAL B 26 34.89 -0.03 -6.24
CA VAL B 26 35.02 0.46 -7.60
C VAL B 26 35.80 1.77 -7.67
N GLY B 27 36.24 2.31 -6.54
CA GLY B 27 36.95 3.57 -6.59
C GLY B 27 36.01 4.75 -6.40
N ALA B 28 36.44 5.72 -5.60
CA ALA B 28 35.60 6.87 -5.29
C ALA B 28 35.16 7.58 -6.56
N GLU B 29 36.05 7.64 -7.54
CA GLU B 29 35.78 8.38 -8.76
C GLU B 29 34.68 7.74 -9.59
N ASN B 30 34.26 6.52 -9.26
CA ASN B 30 33.26 5.81 -10.04
C ASN B 30 31.93 5.67 -9.31
N VAL B 31 31.76 6.36 -8.19
CA VAL B 31 30.51 6.36 -7.43
C VAL B 31 29.98 7.79 -7.40
N ALA B 32 28.67 7.93 -7.53
CA ALA B 32 28.01 9.20 -7.30
C ALA B 32 26.84 8.97 -6.36
N ILE B 33 26.57 9.98 -5.54
CA ILE B 33 25.44 10.01 -4.62
C ILE B 33 24.53 11.15 -5.06
N VAL B 34 23.28 10.83 -5.36
CA VAL B 34 22.29 11.88 -5.61
C VAL B 34 21.57 12.15 -4.29
N GLU B 35 21.66 13.39 -3.81
CA GLU B 35 21.07 13.71 -2.51
C GLU B 35 20.82 15.21 -2.42
N PRO B 36 19.55 15.64 -2.24
CA PRO B 36 19.24 17.09 -2.19
C PRO B 36 19.60 17.77 -0.89
N SER B 37 19.57 17.03 0.21
CA SER B 37 19.69 17.62 1.53
C SER B 37 21.12 18.02 1.85
N GLU B 38 21.31 19.28 2.23
CA GLU B 38 22.60 19.74 2.72
C GLU B 38 22.96 19.14 4.08
N ARG B 39 22.03 18.47 4.76
CA ARG B 39 22.31 17.88 6.06
C ARG B 39 21.92 16.42 6.08
N HIS B 40 22.78 15.61 6.70
CA HIS B 40 22.53 14.19 6.92
C HIS B 40 22.19 14.02 8.40
N PHE B 41 21.13 13.29 8.69
CA PHE B 41 20.66 13.16 10.05
C PHE B 41 20.78 11.73 10.52
N TYR B 42 21.27 11.57 11.76
CA TYR B 42 21.14 10.30 12.47
C TYR B 42 19.79 10.34 13.18
N GLN B 43 18.77 9.91 12.45
CA GLN B 43 17.40 10.03 12.92
C GLN B 43 17.09 9.31 14.22
N PRO B 44 17.68 8.16 14.56
CA PRO B 44 17.27 7.49 15.81
C PRO B 44 17.39 8.35 17.05
N ILE B 45 18.30 9.32 17.09
CA ILE B 45 18.41 10.11 18.31
C ILE B 45 17.23 11.07 18.45
N TRP B 46 16.44 11.23 17.38
CA TRP B 46 15.30 12.14 17.43
C TRP B 46 14.28 11.70 18.47
N THR B 47 14.20 10.40 18.73
CA THR B 47 13.39 9.96 19.86
C THR B 47 13.82 10.67 21.13
N LEU B 48 15.14 10.71 21.38
CA LEU B 48 15.63 11.29 22.63
C LEU B 48 15.57 12.82 22.58
N VAL B 49 15.69 13.41 21.39
CA VAL B 49 15.51 14.86 21.25
C VAL B 49 14.08 15.26 21.61
N GLY B 50 13.09 14.48 21.15
CA GLY B 50 11.71 14.78 21.50
C GLY B 50 11.43 14.61 22.99
N ALA B 51 12.19 13.76 23.66
CA ALA B 51 12.07 13.63 25.11
C ALA B 51 12.99 14.59 25.87
N GLY B 52 13.59 15.55 25.17
CA GLY B 52 14.51 16.48 25.80
C GLY B 52 15.84 15.94 26.28
N ALA B 53 16.16 14.66 26.04
CA ALA B 53 17.38 14.09 26.60
C ALA B 53 18.57 14.19 25.67
N LYS B 54 18.36 14.61 24.43
CA LYS B 54 19.46 14.87 23.51
C LYS B 54 19.11 16.13 22.75
N GLN B 55 20.04 16.60 21.94
CA GLN B 55 19.88 17.87 21.27
C GLN B 55 19.89 17.69 19.75
N LEU B 56 19.02 18.44 19.09
CA LEU B 56 18.81 18.25 17.65
C LEU B 56 20.10 18.50 16.89
N SER B 57 20.84 19.55 17.25
CA SER B 57 22.07 19.89 16.55
C SER B 57 23.01 18.69 16.45
N SER B 58 23.11 17.89 17.51
CA SER B 58 24.00 16.73 17.48
C SER B 58 23.52 15.64 16.55
N SER B 59 22.31 15.76 16.03
CA SER B 59 21.72 14.69 15.24
C SER B 59 22.14 14.76 13.79
N GLY B 60 22.69 15.89 13.37
CA GLY B 60 22.87 16.16 11.97
C GLY B 60 24.25 16.73 11.72
N ARG B 61 24.78 16.39 10.56
CA ARG B 61 26.03 16.94 10.09
C ARG B 61 25.82 17.36 8.65
N PRO B 62 26.66 18.27 8.12
CA PRO B 62 26.58 18.58 6.70
C PRO B 62 26.71 17.31 5.90
N THR B 63 25.87 17.17 4.87
CA THR B 63 25.96 16.02 3.98
C THR B 63 27.36 15.90 3.38
N ALA B 64 28.03 17.04 3.14
CA ALA B 64 29.35 17.03 2.52
C ALA B 64 30.37 16.32 3.39
N SER B 65 30.17 16.33 4.70
CA SER B 65 31.12 15.73 5.63
C SER B 65 30.90 14.24 5.83
N VAL B 66 29.87 13.64 5.23
CA VAL B 66 29.69 12.19 5.27
C VAL B 66 29.81 11.55 3.90
N ILE B 67 29.75 12.33 2.82
CA ILE B 67 30.09 11.86 1.49
C ILE B 67 31.52 11.34 1.53
N PRO B 68 31.74 10.04 1.29
CA PRO B 68 33.10 9.51 1.28
C PRO B 68 33.95 10.26 0.26
N SER B 69 35.18 10.61 0.65
CA SER B 69 36.00 11.48 -0.16
C SER B 69 36.24 10.91 -1.55
N GLY B 70 36.06 11.77 -2.56
CA GLY B 70 36.17 11.39 -3.94
C GLY B 70 34.85 11.01 -4.58
N VAL B 71 33.90 10.51 -3.79
CA VAL B 71 32.58 10.21 -4.30
C VAL B 71 31.87 11.52 -4.65
N GLU B 72 31.32 11.57 -5.86
CA GLU B 72 30.67 12.77 -6.34
C GLU B 72 29.30 12.93 -5.68
N TRP B 73 29.07 14.11 -5.10
CA TRP B 73 27.81 14.45 -4.46
C TRP B 73 27.00 15.27 -5.45
N ILE B 74 25.97 14.66 -6.04
CA ILE B 74 25.10 15.36 -6.96
C ILE B 74 23.93 15.89 -6.13
N LYS B 75 23.95 17.20 -5.85
CA LYS B 75 22.95 17.82 -4.99
C LYS B 75 21.72 18.09 -5.84
N ALA B 76 20.81 17.11 -5.86
CA ALA B 76 19.58 17.20 -6.62
C ALA B 76 18.61 16.14 -6.12
N ARG B 77 17.37 16.23 -6.57
CA ARG B 77 16.37 15.20 -6.34
C ARG B 77 16.27 14.33 -7.58
N VAL B 78 16.31 13.02 -7.41
CA VAL B 78 15.87 12.12 -8.47
C VAL B 78 14.42 12.43 -8.77
N THR B 79 14.12 12.68 -10.04
CA THR B 79 12.77 12.93 -10.48
C THR B 79 12.23 11.82 -11.35
N GLU B 80 13.09 10.93 -11.84
CA GLU B 80 12.61 9.82 -12.65
C GLU B 80 13.70 8.77 -12.71
N LEU B 81 13.27 7.51 -12.80
CA LEU B 81 14.18 6.39 -12.97
C LEU B 81 13.82 5.66 -14.24
N ASN B 82 14.77 5.55 -15.17
CA ASN B 82 14.56 4.81 -16.42
C ASN B 82 15.57 3.67 -16.43
N PRO B 83 15.31 2.60 -15.67
CA PRO B 83 16.28 1.51 -15.60
C PRO B 83 16.45 0.75 -16.91
N ASP B 84 15.42 0.71 -17.76
CA ASP B 84 15.60 0.12 -19.09
C ASP B 84 16.69 0.83 -19.87
N LYS B 85 16.92 2.11 -19.60
CA LYS B 85 17.99 2.88 -20.24
C LYS B 85 19.18 3.09 -19.32
N ASN B 86 19.21 2.40 -18.17
CA ASN B 86 20.28 2.53 -17.18
C ASN B 86 20.58 3.99 -16.85
N CYS B 87 19.54 4.76 -16.59
CA CYS B 87 19.76 6.15 -16.20
C CYS B 87 18.63 6.64 -15.31
N ILE B 88 18.91 7.75 -14.63
CA ILE B 88 17.93 8.48 -13.83
C ILE B 88 17.92 9.93 -14.30
N HIS B 89 16.84 10.63 -13.99
CA HIS B 89 16.75 12.06 -14.21
C HIS B 89 16.68 12.79 -12.87
N THR B 90 17.33 13.95 -12.78
CA THR B 90 17.30 14.78 -11.59
C THR B 90 16.46 16.03 -11.84
N ASP B 91 16.27 16.81 -10.80
CA ASP B 91 15.53 18.07 -10.94
C ASP B 91 16.42 19.20 -11.43
N ASP B 92 17.63 18.90 -11.88
CA ASP B 92 18.43 19.82 -12.69
C ASP B 92 18.31 19.49 -14.18
N ASP B 93 17.29 18.72 -14.56
CA ASP B 93 17.13 18.21 -15.92
C ASP B 93 18.44 17.65 -16.49
N GLU B 94 19.11 16.84 -15.68
CA GLU B 94 20.20 16.01 -16.17
C GLU B 94 19.74 14.56 -16.26
N LYS B 95 20.36 13.84 -17.19
CA LYS B 95 20.35 12.38 -17.18
C LYS B 95 21.69 11.94 -16.59
N ILE B 96 21.65 10.97 -15.69
CA ILE B 96 22.84 10.35 -15.14
C ILE B 96 22.70 8.86 -15.40
N SER B 97 23.65 8.30 -16.14
CA SER B 97 23.61 6.89 -16.45
C SER B 97 24.51 6.16 -15.45
N TYR B 98 24.37 4.83 -15.42
CA TYR B 98 25.01 4.04 -14.39
C TYR B 98 25.22 2.64 -14.94
N ARG B 99 26.24 1.96 -14.41
CA ARG B 99 26.35 0.54 -14.66
C ARG B 99 25.57 -0.27 -13.64
N TYR B 100 25.56 0.22 -12.38
CA TYR B 100 24.86 -0.38 -11.26
C TYR B 100 24.20 0.73 -10.45
N LEU B 101 22.99 0.46 -9.99
CA LEU B 101 22.18 1.47 -9.31
C LEU B 101 21.81 0.95 -7.95
N ILE B 102 22.08 1.74 -6.92
CA ILE B 102 21.66 1.44 -5.56
C ILE B 102 20.64 2.48 -5.17
N ILE B 103 19.45 2.03 -4.76
CA ILE B 103 18.36 2.92 -4.41
C ILE B 103 18.22 2.91 -2.91
N ALA B 104 18.50 4.05 -2.28
CA ALA B 104 18.48 4.22 -0.84
C ALA B 104 17.73 5.49 -0.50
N LEU B 105 16.54 5.62 -1.09
CA LEU B 105 15.74 6.84 -0.99
C LEU B 105 14.94 6.93 0.29
N GLY B 106 15.02 5.93 1.15
CA GLY B 106 14.32 6.01 2.41
C GLY B 106 12.80 5.97 2.26
N ILE B 107 12.15 6.40 3.32
CA ILE B 107 10.70 6.42 3.38
C ILE B 107 10.29 7.88 3.33
N GLN B 108 9.11 8.14 2.82
CA GLN B 108 8.60 9.49 2.72
C GLN B 108 7.61 9.74 3.85
N LEU B 109 7.73 10.91 4.47
CA LEU B 109 6.76 11.35 5.49
C LEU B 109 5.64 12.11 4.82
N ASP B 110 4.39 11.73 5.14
CA ASP B 110 3.21 12.35 4.56
C ASP B 110 2.32 12.99 5.63
N TYR B 111 2.85 13.93 6.41
CA TYR B 111 2.04 14.66 7.37
C TYR B 111 0.81 15.26 6.74
N GLU B 112 0.90 15.68 5.47
CA GLU B 112 -0.24 16.36 4.86
C GLU B 112 -1.37 15.40 4.51
N LYS B 113 -1.20 14.09 4.69
CA LYS B 113 -2.33 13.20 4.57
C LYS B 113 -3.25 13.28 5.78
N ILE B 114 -2.78 13.90 6.85
CA ILE B 114 -3.60 14.18 8.03
C ILE B 114 -4.15 15.60 7.89
N LYS B 115 -5.46 15.71 7.78
CA LYS B 115 -6.07 17.03 7.63
C LYS B 115 -5.65 17.90 8.82
N GLY B 116 -5.21 19.13 8.53
CA GLY B 116 -4.71 20.02 9.55
C GLY B 116 -3.20 20.02 9.70
N LEU B 117 -2.51 19.00 9.20
CA LEU B 117 -1.05 18.98 9.23
C LEU B 117 -0.52 19.21 7.83
N PRO B 118 0.67 19.82 7.68
CA PRO B 118 1.55 20.24 8.78
C PRO B 118 1.28 21.65 9.36
N GLU B 119 0.27 22.36 8.85
CA GLU B 119 -0.04 23.70 9.36
C GLU B 119 -0.22 23.68 10.88
N GLY B 120 -0.90 22.66 11.40
CA GLY B 120 -1.18 22.60 12.82
C GLY B 120 0.05 22.56 13.70
N PHE B 121 1.23 22.32 13.12
CA PHE B 121 2.43 22.34 13.94
C PHE B 121 2.81 23.76 14.35
N ALA B 122 2.33 24.78 13.64
CA ALA B 122 2.57 26.16 14.04
C ALA B 122 1.95 26.50 15.39
N HIS B 123 1.09 25.62 15.95
CA HIS B 123 0.38 25.74 17.21
C HIS B 123 1.07 24.94 18.30
N PRO B 124 0.94 25.32 19.57
CA PRO B 124 1.57 24.55 20.65
C PRO B 124 0.94 23.18 20.81
N LYS B 125 1.47 22.38 21.73
CA LYS B 125 0.91 21.13 22.23
C LYS B 125 1.02 19.96 21.26
N ILE B 126 1.73 20.11 20.15
CA ILE B 126 1.80 19.05 19.15
C ILE B 126 3.21 18.97 18.58
N GLY B 127 3.78 17.77 18.57
CA GLY B 127 5.06 17.54 17.94
C GLY B 127 5.06 16.25 17.17
N SER B 128 6.20 15.99 16.52
CA SER B 128 6.45 14.71 15.87
C SER B 128 7.94 14.49 15.87
N ASN B 129 8.39 13.36 16.41
CA ASN B 129 9.80 13.00 16.40
C ASN B 129 10.29 12.58 15.02
N TYR B 130 9.42 12.49 14.03
CA TYR B 130 9.80 11.97 12.73
C TYR B 130 10.36 13.04 11.81
N SER B 131 10.26 14.30 12.19
CA SER B 131 10.69 15.39 11.34
C SER B 131 11.60 16.33 12.10
N VAL B 132 12.68 16.76 11.44
CA VAL B 132 13.57 17.73 12.04
C VAL B 132 12.83 19.03 12.32
N LYS B 133 11.77 19.32 11.58
CA LYS B 133 10.95 20.51 11.82
C LYS B 133 10.04 20.39 13.04
N THR B 134 9.89 19.19 13.63
CA THR B 134 8.86 19.02 14.64
C THR B 134 9.30 18.28 15.88
N VAL B 135 10.52 17.74 15.91
CA VAL B 135 10.90 16.90 17.04
C VAL B 135 11.13 17.75 18.28
N GLU B 136 11.62 18.98 18.10
CA GLU B 136 11.74 19.86 19.25
C GLU B 136 10.37 20.29 19.74
N LYS B 137 9.39 20.36 18.82
CA LYS B 137 8.02 20.68 19.23
C LYS B 137 7.42 19.59 20.11
N THR B 138 7.78 18.32 19.85
CA THR B 138 7.45 17.28 20.83
C THR B 138 7.93 17.65 22.22
N TRP B 139 9.20 18.08 22.31
CA TRP B 139 9.81 18.33 23.61
C TRP B 139 9.14 19.50 24.31
N LYS B 140 8.87 20.59 23.58
CA LYS B 140 8.14 21.70 24.14
C LYS B 140 6.72 21.29 24.54
N ALA B 141 6.07 20.40 23.77
CA ALA B 141 4.74 19.94 24.18
C ALA B 141 4.82 19.13 25.46
N LEU B 142 5.88 18.35 25.61
CA LEU B 142 6.16 17.70 26.90
C LEU B 142 6.29 18.72 28.02
N GLN B 143 7.01 19.82 27.77
CA GLN B 143 7.27 20.77 28.85
C GLN B 143 6.02 21.55 29.20
N ASP B 144 5.32 22.06 28.19
CA ASP B 144 4.11 22.84 28.38
C ASP B 144 2.92 22.04 28.89
N PHE B 145 2.98 20.71 28.87
CA PHE B 145 1.85 19.88 29.32
C PHE B 145 1.47 20.24 30.75
N LYS B 146 0.21 20.65 30.94
CA LYS B 146 -0.36 20.87 32.27
C LYS B 146 -1.26 19.71 32.67
N GLU B 147 -2.36 19.50 31.94
CA GLU B 147 -3.31 18.46 32.33
C GLU B 147 -4.16 18.08 31.12
N GLY B 148 -4.51 16.79 31.07
CA GLY B 148 -5.38 16.29 30.02
C GLY B 148 -4.87 15.00 29.38
N ASN B 149 -5.19 14.82 28.10
CA ASN B 149 -4.76 13.64 27.39
C ASN B 149 -3.41 13.90 26.73
N ALA B 150 -2.49 12.95 26.90
CA ALA B 150 -1.28 12.89 26.11
C ALA B 150 -1.48 11.76 25.13
N ILE B 151 -1.54 12.10 23.84
CA ILE B 151 -1.93 11.18 22.78
C ILE B 151 -0.73 10.91 21.88
N PHE B 152 -0.46 9.63 21.66
CA PHE B 152 0.63 9.15 20.82
C PHE B 152 0.02 8.25 19.76
N THR B 153 0.36 8.49 18.50
CA THR B 153 -0.34 7.86 17.41
C THR B 153 0.58 6.94 16.65
N PHE B 154 -0.03 6.11 15.80
CA PHE B 154 0.65 5.17 14.94
C PHE B 154 -0.25 5.06 13.71
N PRO B 155 0.27 5.31 12.52
CA PRO B 155 -0.60 5.47 11.36
C PRO B 155 -0.88 4.12 10.72
N ASN B 156 -1.75 4.15 9.71
CA ASN B 156 -2.19 2.94 9.01
C ASN B 156 -1.32 2.63 7.80
N THR B 157 -0.02 2.91 7.87
CA THR B 157 0.91 2.69 6.78
C THR B 157 2.10 1.91 7.33
N PRO B 158 2.98 1.42 6.46
CA PRO B 158 4.29 1.01 6.96
C PRO B 158 4.96 2.24 7.53
N VAL B 159 5.93 2.03 8.42
CA VAL B 159 6.69 3.12 9.02
C VAL B 159 8.14 2.71 9.22
N LYS B 160 9.02 3.70 9.30
CA LYS B 160 10.36 3.45 9.80
C LYS B 160 10.35 3.52 11.32
N CYS B 161 11.11 2.62 11.94
CA CYS B 161 11.16 2.42 13.38
C CYS B 161 9.77 2.32 13.95
N ALA B 162 9.18 1.13 13.84
CA ALA B 162 7.84 0.92 14.36
C ALA B 162 7.76 1.13 15.87
N GLY B 163 8.91 1.14 16.56
CA GLY B 163 8.91 1.36 17.99
C GLY B 163 8.93 2.82 18.41
N ALA B 164 9.48 3.70 17.59
CA ALA B 164 9.59 5.10 18.00
C ALA B 164 8.26 5.75 18.41
N PRO B 165 7.11 5.50 17.78
CA PRO B 165 5.88 6.17 18.24
C PRO B 165 5.54 5.83 19.68
N GLN B 166 5.93 4.64 20.09
CA GLN B 166 5.75 4.09 21.42
C GLN B 166 6.85 4.55 22.38
N LYS B 167 8.10 4.59 21.91
CA LYS B 167 9.20 5.03 22.74
C LYS B 167 8.91 6.38 23.39
N ILE B 168 8.51 7.36 22.58
CA ILE B 168 8.28 8.69 23.10
C ILE B 168 7.10 8.70 24.06
N MET B 169 6.21 7.71 23.99
CA MET B 169 5.16 7.60 24.98
C MET B 169 5.72 7.19 26.34
N TYR B 170 6.62 6.22 26.34
CA TYR B 170 7.26 5.78 27.58
C TYR B 170 8.11 6.88 28.17
N LEU B 171 8.84 7.61 27.32
CA LEU B 171 9.62 8.74 27.78
C LEU B 171 8.71 9.84 28.33
N SER B 172 7.59 10.10 27.67
CA SER B 172 6.65 11.10 28.15
C SER B 172 6.10 10.72 29.51
N GLU B 173 5.73 9.44 29.68
CA GLU B 173 5.26 8.98 30.97
C GLU B 173 6.32 9.24 32.04
N ALA B 174 7.57 8.85 31.78
CA ALA B 174 8.65 9.09 32.73
C ALA B 174 8.81 10.59 33.02
N TYR B 175 8.76 11.42 31.97
CA TYR B 175 8.86 12.86 32.19
C TYR B 175 7.74 13.37 33.08
N PHE B 176 6.54 12.79 32.95
CA PHE B 176 5.43 13.23 33.79
C PHE B 176 5.64 12.82 35.25
N ARG B 177 6.21 11.63 35.48
CA ARG B 177 6.51 11.22 36.85
C ARG B 177 7.68 12.03 37.41
N LYS B 178 8.70 12.31 36.60
CA LYS B 178 9.84 13.10 37.06
C LYS B 178 9.42 14.50 37.49
N THR B 179 8.46 15.10 36.80
CA THR B 179 8.01 16.44 37.14
C THR B 179 6.68 16.46 37.89
N GLY B 180 6.24 15.33 38.44
CA GLY B 180 5.16 15.36 39.37
C GLY B 180 3.77 15.49 38.78
N LYS B 181 3.65 15.56 37.45
CA LYS B 181 2.36 15.72 36.81
C LYS B 181 1.85 14.42 36.16
N ARG B 182 2.32 13.26 36.60
CA ARG B 182 1.76 12.01 36.11
C ARG B 182 0.28 11.88 36.45
N SER B 183 -0.14 12.39 37.62
CA SER B 183 -1.54 12.28 38.04
C SER B 183 -2.46 13.02 37.07
N LYS B 184 -1.92 14.01 36.38
CA LYS B 184 -2.76 14.87 35.55
C LYS B 184 -2.70 14.49 34.07
N ALA B 185 -2.06 13.37 33.73
CA ALA B 185 -1.87 12.99 32.34
C ALA B 185 -2.63 11.70 32.06
N ASN B 186 -3.50 11.73 31.08
CA ASN B 186 -4.13 10.53 30.55
C ASN B 186 -3.34 10.14 29.31
N ILE B 187 -2.56 9.08 29.39
CA ILE B 187 -1.59 8.78 28.36
C ILE B 187 -2.13 7.66 27.50
N ILE B 188 -2.35 7.98 26.22
CA ILE B 188 -3.04 7.09 25.29
C ILE B 188 -2.15 6.85 24.09
N PHE B 189 -2.08 5.59 23.68
CA PHE B 189 -1.43 5.18 22.44
C PHE B 189 -2.55 4.74 21.50
N ASN B 190 -2.82 5.53 20.47
CA ASN B 190 -3.85 5.18 19.50
C ASN B 190 -3.12 4.69 18.26
N THR B 191 -3.12 3.39 18.07
CA THR B 191 -2.36 2.76 17.01
C THR B 191 -3.29 2.14 15.98
N SER B 192 -2.94 2.28 14.71
CA SER B 192 -3.72 1.63 13.66
C SER B 192 -3.64 0.12 13.74
N LEU B 193 -2.65 -0.40 14.46
CA LEU B 193 -2.43 -1.83 14.53
C LEU B 193 -3.35 -2.49 15.55
N GLY B 194 -3.36 -3.82 15.52
CA GLY B 194 -4.02 -4.60 16.53
C GLY B 194 -3.10 -5.17 17.59
N ALA B 195 -1.80 -4.90 17.50
CA ALA B 195 -0.82 -5.36 18.47
C ALA B 195 0.12 -4.22 18.81
N ILE B 196 0.71 -4.29 20.01
CA ILE B 196 1.65 -3.28 20.47
C ILE B 196 3.02 -3.44 19.80
N PHE B 197 3.36 -4.64 19.35
CA PHE B 197 4.64 -4.89 18.72
C PHE B 197 4.52 -6.21 17.98
N GLY B 198 5.34 -6.37 16.92
CA GLY B 198 5.18 -7.54 16.08
C GLY B 198 5.87 -8.79 16.58
N VAL B 199 6.70 -8.69 17.61
CA VAL B 199 7.44 -9.82 18.15
C VAL B 199 6.91 -10.11 19.55
N LYS B 200 6.38 -11.31 19.74
CA LYS B 200 5.63 -11.59 20.96
C LYS B 200 6.50 -11.38 22.19
N LYS B 201 7.77 -11.75 22.14
CA LYS B 201 8.59 -11.64 23.34
C LYS B 201 8.65 -10.20 23.82
N TYR B 202 8.88 -9.26 22.90
CA TYR B 202 8.95 -7.86 23.30
C TYR B 202 7.57 -7.27 23.48
N ALA B 203 6.58 -7.74 22.70
CA ALA B 203 5.20 -7.31 22.91
C ALA B 203 4.78 -7.52 24.35
N ASP B 204 5.04 -8.72 24.88
CA ASP B 204 4.66 -9.07 26.25
C ASP B 204 5.44 -8.25 27.27
N ALA B 205 6.72 -7.98 26.99
CA ALA B 205 7.48 -7.10 27.86
C ALA B 205 6.87 -5.71 27.90
N LEU B 206 6.54 -5.16 26.73
CA LEU B 206 5.89 -3.85 26.68
C LEU B 206 4.51 -3.90 27.28
N GLN B 207 3.81 -5.02 27.15
CA GLN B 207 2.48 -5.13 27.74
C GLN B 207 2.54 -4.93 29.25
N GLU B 208 3.51 -5.58 29.91
CA GLU B 208 3.69 -5.41 31.34
C GLU B 208 3.94 -3.94 31.69
N ILE B 209 4.83 -3.28 30.95
CA ILE B 209 5.08 -1.86 31.16
C ILE B 209 3.80 -1.05 30.96
N ILE B 210 2.97 -1.46 29.99
CA ILE B 210 1.75 -0.72 29.72
C ILE B 210 0.82 -0.78 30.91
N GLN B 211 0.55 -2.00 31.39
CA GLN B 211 -0.33 -2.20 32.54
C GLN B 211 0.26 -1.54 33.77
N GLU B 212 1.55 -1.75 34.01
CA GLU B 212 2.20 -1.27 35.21
C GLU B 212 2.19 0.25 35.28
N ARG B 213 2.39 0.94 34.16
CA ARG B 213 2.40 2.39 34.18
C ARG B 213 1.07 3.00 33.80
N ASN B 214 -0.01 2.22 33.80
CA ASN B 214 -1.32 2.73 33.50
C ASN B 214 -1.32 3.55 32.21
N LEU B 215 -0.86 2.90 31.16
CA LEU B 215 -0.94 3.42 29.82
C LEU B 215 -2.15 2.80 29.16
N THR B 216 -2.80 3.56 28.30
CA THR B 216 -3.91 3.06 27.52
C THR B 216 -3.49 2.86 26.08
N VAL B 217 -3.85 1.72 25.51
CA VAL B 217 -3.63 1.40 24.12
C VAL B 217 -4.99 1.15 23.48
N ASN B 218 -5.34 1.96 22.49
CA ASN B 218 -6.56 1.77 21.71
C ASN B 218 -6.14 1.29 20.32
N TYR B 219 -6.42 0.03 20.03
CA TYR B 219 -6.01 -0.59 18.78
C TYR B 219 -6.94 -0.17 17.65
N LYS B 220 -6.43 -0.26 16.42
CA LYS B 220 -7.26 0.03 15.23
C LYS B 220 -7.85 1.44 15.27
N LYS B 221 -7.10 2.40 15.83
CA LYS B 221 -7.50 3.79 15.90
C LYS B 221 -6.44 4.60 15.18
N ASN B 222 -6.83 5.32 14.14
CA ASN B 222 -5.91 5.94 13.19
C ASN B 222 -6.16 7.44 13.10
N LEU B 223 -5.12 8.22 13.32
CA LEU B 223 -5.25 9.66 13.27
C LEU B 223 -5.58 10.09 11.84
N ILE B 224 -6.70 10.78 11.65
CA ILE B 224 -7.02 11.32 10.32
C ILE B 224 -7.07 12.84 10.30
N GLU B 225 -7.12 13.52 11.44
CA GLU B 225 -7.28 14.97 11.38
C GLU B 225 -6.80 15.58 12.67
N VAL B 226 -6.12 16.71 12.54
CA VAL B 226 -5.70 17.54 13.66
C VAL B 226 -6.41 18.88 13.53
N ARG B 227 -7.11 19.26 14.60
CA ARG B 227 -7.65 20.61 14.77
C ARG B 227 -6.79 21.25 15.84
N ALA B 228 -5.62 21.76 15.41
CA ALA B 228 -4.58 22.12 16.37
C ALA B 228 -4.96 23.32 17.21
N ASP B 229 -5.76 24.23 16.65
CA ASP B 229 -6.18 25.41 17.42
C ASP B 229 -7.17 25.03 18.51
N LYS B 230 -8.02 24.05 18.27
CA LYS B 230 -8.95 23.55 19.28
C LYS B 230 -8.37 22.41 20.10
N GLN B 231 -7.13 22.02 19.80
CA GLN B 231 -6.45 20.89 20.46
C GLN B 231 -7.30 19.63 20.41
N GLU B 232 -7.78 19.31 19.23
CA GLU B 232 -8.54 18.08 19.03
C GLU B 232 -7.90 17.23 17.95
N ALA B 233 -7.86 15.93 18.21
CA ALA B 233 -7.39 14.93 17.26
C ALA B 233 -8.56 14.04 16.86
N VAL B 234 -8.73 13.83 15.56
CA VAL B 234 -9.79 12.97 15.03
C VAL B 234 -9.18 11.63 14.65
N PHE B 235 -9.76 10.56 15.19
CA PHE B 235 -9.34 9.20 14.86
C PHE B 235 -10.48 8.47 14.16
N GLU B 236 -10.11 7.67 13.18
CA GLU B 236 -11.04 6.77 12.56
C GLU B 236 -10.91 5.40 13.23
N ASN B 237 -12.04 4.75 13.42
CA ASN B 237 -12.04 3.40 13.96
C ASN B 237 -11.88 2.43 12.78
N LEU B 238 -10.69 1.83 12.65
CA LEU B 238 -10.49 0.90 11.54
C LEU B 238 -11.29 -0.38 11.68
N ASP B 239 -11.82 -0.68 12.86
CA ASP B 239 -12.71 -1.83 13.01
C ASP B 239 -14.15 -1.53 12.59
N LYS B 240 -14.58 -0.28 12.60
CA LYS B 240 -15.92 0.12 12.17
C LYS B 240 -15.79 1.28 11.21
N PRO B 241 -15.64 0.98 9.91
CA PRO B 241 -15.55 2.05 8.90
C PRO B 241 -16.71 3.03 9.00
N GLY B 242 -16.39 4.30 8.79
CA GLY B 242 -17.32 5.38 8.97
C GLY B 242 -17.30 5.94 10.37
N GLU B 243 -16.97 5.13 11.37
CA GLU B 243 -16.95 5.61 12.74
C GLU B 243 -15.65 6.35 13.01
N THR B 244 -15.76 7.51 13.64
CA THR B 244 -14.62 8.27 14.07
C THR B 244 -14.77 8.64 15.53
N GLN B 245 -13.81 9.43 16.01
CA GLN B 245 -13.80 9.87 17.39
C GLN B 245 -12.95 11.12 17.44
N VAL B 246 -13.50 12.18 18.01
CA VAL B 246 -12.75 13.41 18.25
C VAL B 246 -12.34 13.39 19.71
N ILE B 247 -11.03 13.39 19.94
CA ILE B 247 -10.44 13.33 21.27
C ILE B 247 -9.77 14.67 21.54
N SER B 248 -9.95 15.19 22.74
CA SER B 248 -9.19 16.35 23.21
C SER B 248 -7.81 15.90 23.67
N TYR B 249 -6.79 16.75 23.42
CA TYR B 249 -5.43 16.44 23.88
C TYR B 249 -4.77 17.66 24.52
N GLU B 250 -3.91 17.37 25.50
CA GLU B 250 -3.00 18.37 26.03
C GLU B 250 -1.63 18.26 25.39
N MET B 251 -1.35 17.11 24.77
CA MET B 251 -0.14 16.87 24.02
C MET B 251 -0.48 15.84 22.96
N LEU B 252 -0.10 16.11 21.72
CA LEU B 252 -0.27 15.14 20.64
C LEU B 252 1.07 14.89 20.00
N HIS B 253 1.52 13.63 20.00
CA HIS B 253 2.68 13.24 19.21
C HIS B 253 2.21 12.49 17.97
N VAL B 254 2.49 13.06 16.80
CA VAL B 254 2.02 12.51 15.53
C VAL B 254 3.12 11.66 14.91
N THR B 255 2.84 10.37 14.72
CA THR B 255 3.65 9.56 13.81
C THR B 255 2.99 9.67 12.44
N PRO B 256 3.61 10.32 11.46
CA PRO B 256 2.90 10.60 10.23
C PRO B 256 2.64 9.33 9.44
N PRO B 257 1.62 9.31 8.59
CA PRO B 257 1.54 8.31 7.54
C PRO B 257 2.83 8.32 6.75
N MET B 258 3.26 7.16 6.31
CA MET B 258 4.49 7.09 5.53
C MET B 258 4.27 6.22 4.31
N SER B 259 5.11 6.43 3.31
CA SER B 259 4.88 5.87 1.99
C SER B 259 6.21 5.85 1.26
N PRO B 260 6.31 5.11 0.17
CA PRO B 260 7.52 5.17 -0.63
C PRO B 260 7.73 6.59 -1.13
N PRO B 261 8.97 7.01 -1.33
CA PRO B 261 9.19 8.33 -1.93
C PRO B 261 8.42 8.45 -3.23
N ASP B 262 7.87 9.65 -3.47
CA ASP B 262 6.99 9.87 -4.63
C ASP B 262 7.62 9.41 -5.93
N VAL B 263 8.92 9.64 -6.10
CA VAL B 263 9.52 9.29 -7.37
C VAL B 263 9.52 7.78 -7.56
N LEU B 264 9.60 6.99 -6.47
CA LEU B 264 9.56 5.54 -6.63
C LEU B 264 8.15 5.01 -6.83
N LYS B 265 7.12 5.72 -6.34
CA LYS B 265 5.76 5.17 -6.33
C LYS B 265 5.33 4.72 -7.72
N THR B 266 5.62 5.50 -8.75
CA THR B 266 5.19 5.23 -10.12
C THR B 266 6.30 4.65 -10.99
N SER B 267 7.47 4.39 -10.42
CA SER B 267 8.65 4.04 -11.20
C SER B 267 8.65 2.56 -11.57
N PRO B 268 9.32 2.20 -12.66
CA PRO B 268 9.41 0.77 -13.00
C PRO B 268 10.15 -0.06 -11.95
N VAL B 269 10.97 0.56 -11.10
CA VAL B 269 11.68 -0.26 -10.11
C VAL B 269 10.81 -0.62 -8.93
N ALA B 270 9.64 0.01 -8.79
CA ALA B 270 8.80 -0.27 -7.65
C ALA B 270 8.02 -1.55 -7.88
N ASP B 271 7.70 -2.24 -6.79
CA ASP B 271 6.65 -3.23 -6.83
C ASP B 271 5.30 -2.48 -6.96
N ALA B 272 4.18 -3.21 -6.87
CA ALA B 272 2.89 -2.56 -7.12
C ALA B 272 2.56 -1.52 -6.07
N ALA B 273 3.10 -1.67 -4.85
CA ALA B 273 2.86 -0.77 -3.73
C ALA B 273 3.83 0.41 -3.70
N GLY B 274 4.87 0.39 -4.53
CA GLY B 274 5.75 1.53 -4.67
C GLY B 274 7.09 1.36 -4.00
N TRP B 275 7.30 0.27 -3.30
CA TRP B 275 8.60 -0.04 -2.72
C TRP B 275 9.52 -0.63 -3.78
N VAL B 276 10.80 -0.39 -3.61
CA VAL B 276 11.79 -0.95 -4.53
C VAL B 276 11.73 -2.46 -4.46
N ASP B 277 11.44 -3.10 -5.59
CA ASP B 277 11.11 -4.52 -5.68
C ASP B 277 12.40 -5.32 -5.73
N VAL B 278 12.89 -5.76 -4.56
CA VAL B 278 14.18 -6.44 -4.52
C VAL B 278 14.03 -7.87 -4.04
N ASP B 279 15.01 -8.67 -4.41
CA ASP B 279 15.13 -10.02 -3.86
C ASP B 279 15.30 -9.92 -2.36
N LYS B 280 14.48 -10.66 -1.63
CA LYS B 280 14.41 -10.47 -0.19
C LYS B 280 15.63 -11.01 0.55
N GLU B 281 16.46 -11.80 -0.12
CA GLU B 281 17.69 -12.33 0.47
C GLU B 281 18.95 -11.63 -0.04
N THR B 282 18.95 -11.15 -1.27
CA THR B 282 20.14 -10.62 -1.91
C THR B 282 20.09 -9.12 -2.14
N LEU B 283 18.91 -8.53 -2.15
CA LEU B 283 18.69 -7.10 -2.34
C LEU B 283 18.99 -6.64 -3.76
N GLN B 284 19.25 -7.58 -4.67
CA GLN B 284 19.20 -7.31 -6.10
C GLN B 284 17.76 -7.14 -6.55
N HIS B 285 17.53 -6.15 -7.41
CA HIS B 285 16.20 -5.93 -7.93
C HIS B 285 15.71 -7.15 -8.69
N ARG B 286 14.43 -7.46 -8.53
CA ARG B 286 13.87 -8.70 -9.09
C ARG B 286 13.89 -8.69 -10.61
N ARG B 287 13.76 -7.53 -11.23
CA ARG B 287 13.57 -7.41 -12.67
C ARG B 287 14.69 -6.70 -13.39
N TYR B 288 15.47 -5.87 -12.72
CA TYR B 288 16.59 -5.16 -13.31
C TYR B 288 17.87 -5.62 -12.62
N PRO B 289 18.66 -6.50 -13.23
CA PRO B 289 19.74 -7.16 -12.48
C PRO B 289 20.83 -6.23 -12.04
N ASN B 290 20.95 -5.04 -12.63
CA ASN B 290 21.95 -4.08 -12.22
C ASN B 290 21.37 -3.00 -11.30
N VAL B 291 20.21 -3.27 -10.69
CA VAL B 291 19.63 -2.38 -9.71
C VAL B 291 19.57 -3.09 -8.36
N PHE B 292 19.84 -2.34 -7.30
CA PHE B 292 19.85 -2.86 -5.94
C PHE B 292 19.13 -1.85 -5.07
N GLY B 293 18.57 -2.34 -3.96
CA GLY B 293 17.88 -1.48 -3.01
C GLY B 293 18.29 -1.82 -1.60
N ILE B 294 18.26 -0.80 -0.75
CA ILE B 294 18.58 -0.95 0.67
C ILE B 294 17.69 -0.02 1.47
N GLY B 295 17.37 -0.45 2.70
CA GLY B 295 16.76 0.47 3.63
C GLY B 295 15.26 0.63 3.44
N ASP B 296 14.77 1.78 3.93
CA ASP B 296 13.34 1.99 4.11
C ASP B 296 12.60 1.90 2.78
N CYS B 297 13.25 2.31 1.69
CA CYS B 297 12.56 2.39 0.40
C CYS B 297 12.30 1.03 -0.21
N THR B 298 12.78 -0.05 0.41
CA THR B 298 12.67 -1.36 -0.21
C THR B 298 11.40 -2.05 0.26
N ASN B 299 11.07 -3.13 -0.44
CA ASN B 299 9.97 -3.96 0.01
C ASN B 299 10.45 -5.11 0.88
N LEU B 300 11.65 -5.01 1.44
CA LEU B 300 12.09 -6.05 2.37
C LEU B 300 11.09 -6.15 3.51
N PRO B 301 10.53 -7.33 3.76
CA PRO B 301 9.45 -7.47 4.76
C PRO B 301 9.99 -7.63 6.17
N THR B 302 10.63 -6.57 6.64
CA THR B 302 11.16 -6.50 7.99
C THR B 302 11.04 -5.05 8.45
N SER B 303 11.25 -4.83 9.72
CA SER B 303 11.09 -3.48 10.22
C SER B 303 12.08 -2.55 9.54
N LYS B 304 11.63 -1.33 9.29
CA LYS B 304 12.43 -0.34 8.59
C LYS B 304 13.23 0.45 9.60
N THR B 305 14.48 0.02 9.83
CA THR B 305 15.35 0.59 10.83
C THR B 305 16.76 0.72 10.25
N ALA B 306 17.53 1.63 10.87
CA ALA B 306 18.95 1.78 10.54
C ALA B 306 19.71 0.49 10.81
N ALA B 307 19.36 -0.21 11.89
CA ALA B 307 19.97 -1.51 12.15
C ALA B 307 19.75 -2.46 10.98
N ALA B 308 18.50 -2.55 10.48
CA ALA B 308 18.27 -3.34 9.28
C ALA B 308 19.15 -2.86 8.13
N VAL B 309 19.28 -1.54 7.98
CA VAL B 309 20.12 -1.01 6.92
C VAL B 309 21.55 -1.53 7.07
N ALA B 310 22.10 -1.49 8.29
CA ALA B 310 23.47 -1.96 8.50
C ALA B 310 23.62 -3.41 8.09
N ALA B 311 22.72 -4.28 8.57
CA ALA B 311 22.80 -5.68 8.20
C ALA B 311 22.63 -5.86 6.70
N GLN B 312 21.77 -5.05 6.10
CA GLN B 312 21.55 -5.16 4.65
C GLN B 312 22.77 -4.67 3.88
N SER B 313 23.47 -3.67 4.40
CA SER B 313 24.66 -3.17 3.73
C SER B 313 25.74 -4.23 3.67
N GLY B 314 25.88 -5.04 4.72
CA GLY B 314 26.76 -6.18 4.65
C GLY B 314 26.40 -7.11 3.50
N ILE B 315 25.14 -7.54 3.47
CA ILE B 315 24.69 -8.46 2.42
C ILE B 315 24.80 -7.80 1.05
N LEU B 316 24.32 -6.56 0.93
CA LEU B 316 24.30 -5.93 -0.39
C LEU B 316 25.70 -5.72 -0.93
N ASP B 317 26.67 -5.46 -0.04
CA ASP B 317 28.07 -5.39 -0.45
C ASP B 317 28.51 -6.67 -1.14
N ARG B 318 28.32 -7.81 -0.49
CA ARG B 318 28.64 -9.08 -1.11
C ARG B 318 27.82 -9.32 -2.38
N THR B 319 26.50 -9.02 -2.33
CA THR B 319 25.67 -9.20 -3.52
C THR B 319 26.25 -8.44 -4.72
N ILE B 320 26.56 -7.16 -4.54
CA ILE B 320 27.02 -6.38 -5.70
C ILE B 320 28.39 -6.87 -6.17
N SER B 321 29.28 -7.21 -5.23
CA SER B 321 30.60 -7.73 -5.59
C SER B 321 30.47 -8.99 -6.43
N VAL B 322 29.65 -9.93 -6.01
CA VAL B 322 29.56 -11.16 -6.80
C VAL B 322 28.85 -10.91 -8.12
N ILE B 323 27.91 -9.96 -8.16
CA ILE B 323 27.28 -9.66 -9.44
C ILE B 323 28.30 -9.06 -10.40
N MET B 324 29.09 -8.08 -9.92
CA MET B 324 30.12 -7.48 -10.75
C MET B 324 31.12 -8.49 -11.25
N LYS B 325 31.34 -9.55 -10.49
CA LYS B 325 32.21 -10.66 -10.86
C LYS B 325 31.48 -11.76 -11.61
N ASN B 326 30.28 -11.47 -12.12
CA ASN B 326 29.45 -12.46 -12.82
C ASN B 326 29.34 -13.76 -12.02
N GLN B 327 29.22 -13.64 -10.71
CA GLN B 327 29.03 -14.77 -9.83
C GLN B 327 27.57 -14.84 -9.39
N THR B 328 27.19 -16.01 -8.87
CA THR B 328 25.84 -15.98 -8.33
C THR B 328 25.88 -15.69 -6.83
N PRO B 329 24.94 -14.88 -6.32
CA PRO B 329 24.97 -14.57 -4.88
C PRO B 329 24.67 -15.80 -4.02
N THR B 330 25.41 -15.92 -2.92
CA THR B 330 25.21 -17.00 -1.97
C THR B 330 24.87 -16.51 -0.56
N LYS B 331 25.20 -15.28 -0.23
CA LYS B 331 24.94 -14.74 1.10
C LYS B 331 23.54 -14.15 1.14
N LYS B 332 22.76 -14.55 2.14
CA LYS B 332 21.33 -14.29 2.18
C LYS B 332 20.98 -13.44 3.40
N TYR B 333 20.35 -12.30 3.16
CA TYR B 333 19.85 -11.47 4.24
C TYR B 333 18.76 -12.23 4.99
N ASP B 334 18.81 -12.17 6.32
CA ASP B 334 17.88 -12.93 7.16
C ASP B 334 16.79 -12.04 7.74
N GLY B 335 16.70 -10.81 7.27
CA GLY B 335 15.70 -9.92 7.81
C GLY B 335 16.08 -9.31 9.12
N TYR B 336 17.35 -9.44 9.52
CA TYR B 336 17.76 -8.87 10.79
C TYR B 336 17.34 -7.42 10.88
N THR B 337 16.79 -7.07 12.03
CA THR B 337 16.47 -5.68 12.34
C THR B 337 16.56 -5.54 13.85
N SER B 338 16.58 -4.30 14.30
CA SER B 338 16.63 -4.06 15.73
C SER B 338 15.85 -2.82 16.08
N CYS B 339 15.09 -2.90 17.15
CA CYS B 339 14.36 -1.75 17.67
C CYS B 339 14.84 -1.53 19.09
N PRO B 340 15.69 -0.53 19.34
CA PRO B 340 16.03 -0.23 20.73
C PRO B 340 14.87 0.52 21.40
N LEU B 341 13.93 -0.25 21.94
CA LEU B 341 12.75 0.30 22.59
C LEU B 341 13.10 1.06 23.86
N VAL B 342 13.29 2.36 23.75
CA VAL B 342 13.50 3.19 24.93
C VAL B 342 12.23 3.19 25.76
N THR B 343 12.31 2.63 26.96
CA THR B 343 11.18 2.56 27.88
C THR B 343 11.28 3.56 29.04
N GLY B 344 12.30 4.42 29.03
CA GLY B 344 12.50 5.41 30.07
C GLY B 344 13.77 6.19 29.75
N TYR B 345 14.03 7.21 30.55
CA TYR B 345 15.24 8.00 30.31
C TYR B 345 16.52 7.24 30.63
N ASN B 346 16.43 5.98 31.09
CA ASN B 346 17.59 5.18 31.47
C ASN B 346 17.41 3.70 31.16
N ARG B 347 16.41 3.31 30.36
CA ARG B 347 16.18 1.91 30.08
C ARG B 347 15.80 1.70 28.61
N VAL B 348 16.24 0.57 28.05
CA VAL B 348 15.91 0.17 26.69
C VAL B 348 15.61 -1.33 26.72
N ILE B 349 14.52 -1.73 26.06
CA ILE B 349 14.32 -3.11 25.66
C ILE B 349 14.85 -3.22 24.24
N LEU B 350 15.93 -3.96 24.05
CA LEU B 350 16.55 -4.07 22.72
C LEU B 350 15.87 -5.22 22.00
N ALA B 351 14.86 -4.90 21.21
CA ALA B 351 14.26 -5.90 20.34
C ALA B 351 15.19 -6.16 19.15
N GLU B 352 15.56 -7.41 18.95
CA GLU B 352 16.28 -7.83 17.75
C GLU B 352 15.55 -9.04 17.20
N PHE B 353 15.32 -9.05 15.90
CA PHE B 353 14.57 -10.15 15.31
C PHE B 353 14.84 -10.19 13.83
N ASP B 354 14.35 -11.25 13.20
CA ASP B 354 14.59 -11.51 11.79
C ASP B 354 13.26 -11.58 11.02
N TYR B 355 13.36 -12.03 9.77
CA TYR B 355 12.19 -12.19 8.90
C TYR B 355 11.09 -13.01 9.55
N LYS B 356 11.45 -13.96 10.41
CA LYS B 356 10.45 -14.80 11.09
C LYS B 356 9.79 -14.06 12.25
N ALA B 357 10.15 -12.80 12.49
CA ALA B 357 9.67 -12.05 13.65
C ALA B 357 9.87 -12.86 14.92
N GLU B 358 11.02 -13.51 15.01
CA GLU B 358 11.41 -14.22 16.22
C GLU B 358 12.67 -13.59 16.78
N PRO B 359 12.84 -13.56 18.10
CA PRO B 359 14.01 -12.90 18.67
C PRO B 359 15.30 -13.42 18.06
N LEU B 360 16.24 -12.52 17.85
CA LEU B 360 17.55 -12.84 17.33
C LEU B 360 18.54 -11.95 18.08
N GLU B 361 18.61 -12.16 19.39
CA GLU B 361 19.31 -11.23 20.27
C GLU B 361 20.82 -11.38 20.14
N THR B 362 21.51 -10.24 20.11
CA THR B 362 22.96 -10.24 20.01
C THR B 362 23.62 -10.65 21.32
N PHE B 363 23.08 -10.19 22.43
CA PHE B 363 23.73 -10.35 23.72
C PHE B 363 23.26 -11.61 24.43
N PRO B 364 24.07 -12.15 25.34
CA PRO B 364 23.73 -13.45 25.96
C PRO B 364 22.59 -13.36 26.95
N PHE B 365 22.34 -12.19 27.54
CA PHE B 365 21.27 -12.05 28.49
C PHE B 365 19.93 -11.79 27.77
N ASP B 366 18.86 -11.84 28.56
CA ASP B 366 17.51 -11.63 28.05
C ASP B 366 17.30 -10.14 27.80
N GLN B 367 17.12 -9.77 26.53
CA GLN B 367 17.01 -8.36 26.17
C GLN B 367 15.59 -7.82 26.30
N SER B 368 14.60 -8.69 26.47
CA SER B 368 13.25 -8.21 26.77
C SER B 368 13.16 -7.50 28.11
N LYS B 369 14.18 -7.58 28.98
CA LYS B 369 14.20 -6.81 30.21
C LYS B 369 14.65 -5.38 29.92
N GLU B 370 14.06 -4.41 30.63
CA GLU B 370 14.58 -3.05 30.54
C GLU B 370 15.98 -3.02 31.11
N ARG B 371 16.91 -2.39 30.38
CA ARG B 371 18.33 -2.43 30.75
C ARG B 371 18.96 -1.06 30.60
N LEU B 372 19.70 -0.65 31.63
CA LEU B 372 20.52 0.56 31.51
C LEU B 372 21.62 0.37 30.48
N SER B 373 22.17 -0.84 30.38
CA SER B 373 23.26 -1.08 29.43
C SER B 373 22.81 -0.82 28.01
N MET B 374 21.61 -1.30 27.65
CA MET B 374 21.07 -1.05 26.32
C MET B 374 20.68 0.41 26.13
N TYR B 375 20.21 1.09 27.18
CA TYR B 375 19.99 2.53 27.01
C TYR B 375 21.30 3.24 26.69
N LEU B 376 22.35 2.96 27.47
CA LEU B 376 23.64 3.60 27.20
C LEU B 376 24.15 3.23 25.81
N MET B 377 23.97 1.98 25.39
CA MET B 377 24.34 1.62 24.03
C MET B 377 23.58 2.47 23.00
N LYS B 378 22.26 2.57 23.17
CA LYS B 378 21.44 3.33 22.24
C LYS B 378 21.84 4.81 22.23
N ALA B 379 21.99 5.40 23.42
CA ALA B 379 22.06 6.86 23.48
C ALA B 379 23.45 7.40 23.19
N ASP B 380 24.48 6.60 23.39
CA ASP B 380 25.84 7.11 23.33
C ASP B 380 26.73 6.30 22.42
N LEU B 381 26.62 4.98 22.43
CA LEU B 381 27.44 4.16 21.57
C LEU B 381 26.94 4.18 20.13
N MET B 382 25.65 3.86 19.91
CA MET B 382 25.15 3.75 18.54
C MET B 382 25.37 5.00 17.70
N PRO B 383 25.12 6.23 18.17
CA PRO B 383 25.49 7.38 17.33
C PRO B 383 26.96 7.39 16.96
N PHE B 384 27.83 6.99 17.89
CA PHE B 384 29.26 6.96 17.56
C PHE B 384 29.57 5.91 16.51
N LEU B 385 29.12 4.67 16.71
CA LEU B 385 29.27 3.65 15.68
C LEU B 385 28.62 4.08 14.36
N TYR B 386 27.52 4.83 14.42
CA TYR B 386 26.86 5.23 13.19
C TYR B 386 27.77 6.15 12.38
N TRP B 387 28.23 7.24 12.99
CA TRP B 387 28.96 8.25 12.22
C TRP B 387 30.33 7.73 11.80
N ASN B 388 31.00 6.99 12.68
CA ASN B 388 32.41 6.68 12.54
C ASN B 388 32.67 5.27 12.08
N MET B 389 31.63 4.46 11.90
CA MET B 389 31.79 3.09 11.43
C MET B 389 30.82 2.79 10.29
N MET B 390 29.53 2.93 10.55
CA MET B 390 28.55 2.52 9.56
C MET B 390 28.66 3.36 8.29
N LEU B 391 28.64 4.67 8.44
CA LEU B 391 28.72 5.53 7.28
C LEU B 391 30.06 5.45 6.57
N ARG B 392 31.04 4.74 7.16
CA ARG B 392 32.31 4.49 6.49
C ARG B 392 32.39 3.08 5.93
N GLY B 393 31.36 2.28 6.11
CA GLY B 393 31.29 0.99 5.50
C GLY B 393 31.82 -0.15 6.31
N TYR B 394 31.96 0.03 7.63
CA TYR B 394 32.60 -0.99 8.46
C TYR B 394 31.63 -1.61 9.44
N TRP B 395 30.33 -1.38 9.27
CA TRP B 395 29.31 -1.94 10.14
C TRP B 395 28.27 -2.65 9.27
N GLY B 396 28.19 -3.97 9.43
CA GLY B 396 27.26 -4.79 8.72
C GLY B 396 26.31 -5.51 9.67
N GLY B 397 25.96 -4.86 10.78
CA GLY B 397 25.13 -5.49 11.78
C GLY B 397 25.92 -6.29 12.80
N PRO B 398 25.23 -6.81 13.81
CA PRO B 398 25.93 -7.37 14.97
C PRO B 398 25.95 -8.88 14.98
N ALA B 399 25.83 -9.48 13.79
CA ALA B 399 25.73 -10.93 13.70
C ALA B 399 27.00 -11.61 14.19
N PHE B 400 28.18 -11.06 13.85
CA PHE B 400 29.42 -11.62 14.36
C PHE B 400 29.49 -11.49 15.87
N LEU B 401 29.05 -10.33 16.41
CA LEU B 401 28.95 -10.19 17.86
C LEU B 401 28.03 -11.24 18.45
N ARG B 402 26.87 -11.46 17.82
CA ARG B 402 25.93 -12.49 18.31
C ARG B 402 26.63 -13.85 18.33
N LYS B 403 27.40 -14.17 17.26
CA LYS B 403 28.00 -15.52 17.20
C LYS B 403 29.21 -15.60 18.11
N LEU B 404 29.94 -14.48 18.31
CA LEU B 404 31.09 -14.49 19.23
C LEU B 404 30.63 -14.55 20.68
N PHE B 405 29.42 -14.05 20.96
CA PHE B 405 28.84 -14.14 22.29
C PHE B 405 28.20 -15.48 22.58
N HIS B 406 28.13 -16.36 21.58
CA HIS B 406 27.63 -17.71 21.79
C HIS B 406 28.74 -18.76 21.58
PA FAD C . -13.44 1.22 -14.03
O1A FAD C . -14.78 0.74 -14.44
O2A FAD C . -12.22 0.32 -14.32
O5B FAD C . -13.18 2.63 -14.64
C5B FAD C . -11.96 3.34 -14.40
C4B FAD C . -11.68 4.16 -15.64
O4B FAD C . -10.67 5.17 -15.39
C3B FAD C . -11.22 3.36 -16.85
O3B FAD C . -12.07 3.65 -17.95
C2B FAD C . -9.82 3.92 -17.15
O2B FAD C . -9.61 3.98 -18.56
C1B FAD C . -9.92 5.32 -16.57
N9A FAD C . -8.62 5.91 -16.25
C8A FAD C . -7.55 5.26 -15.70
N7A FAD C . -6.49 6.00 -15.54
C5A FAD C . -6.89 7.25 -16.01
C6A FAD C . -6.23 8.48 -16.10
N6A FAD C . -4.97 8.69 -15.73
N1A FAD C . -6.92 9.53 -16.64
C2A FAD C . -8.18 9.32 -17.03
N3A FAD C . -8.91 8.21 -16.97
C4A FAD C . -8.20 7.19 -16.46
N1 FAD C . -17.63 -6.35 -10.09
C2 FAD C . -18.80 -6.85 -9.63
O2 FAD C . -19.58 -6.14 -8.98
N3 FAD C . -19.15 -8.16 -9.93
C4 FAD C . -18.37 -9.05 -10.63
O4 FAD C . -18.75 -10.21 -10.81
C4X FAD C . -17.13 -8.51 -11.10
N5 FAD C . -16.34 -9.29 -11.76
C5X FAD C . -15.16 -8.77 -12.25
C6 FAD C . -14.33 -9.59 -13.00
C7 FAD C . -13.12 -9.13 -13.51
C7M FAD C . -12.24 -10.05 -14.30
C8 FAD C . -12.75 -7.79 -13.28
C8M FAD C . -11.46 -7.25 -13.81
C9 FAD C . -13.59 -6.96 -12.54
C9A FAD C . -14.78 -7.44 -12.04
N10 FAD C . -15.67 -6.61 -11.32
C10 FAD C . -16.85 -7.13 -10.80
C1' FAD C . -15.24 -5.28 -10.88
C2' FAD C . -15.74 -4.09 -11.68
O2' FAD C . -15.30 -4.19 -13.03
C3' FAD C . -15.07 -2.85 -11.10
O3' FAD C . -15.10 -2.87 -9.67
C4' FAD C . -15.68 -1.54 -11.57
O4' FAD C . -15.39 -1.43 -12.96
C5' FAD C . -15.10 -0.38 -10.81
O5' FAD C . -15.50 0.85 -11.45
P FAD C . -14.53 2.06 -11.58
O1P FAD C . -15.25 3.19 -12.31
O2P FAD C . -13.97 2.33 -10.19
O3P FAD C . -13.42 1.50 -12.48
C1 UQ1 D . -7.74 -26.80 2.32
O1 UQ1 D . -8.10 -25.92 3.03
C2 UQ1 D . -6.58 -26.54 1.40
O2 UQ1 D . -5.95 -25.31 1.42
CM2 UQ1 D . -5.10 -25.19 2.53
C3 UQ1 D . -6.09 -27.62 0.45
O3 UQ1 D . -5.00 -27.31 -0.38
CM3 UQ1 D . -3.74 -27.58 0.21
C4 UQ1 D . -6.77 -28.98 0.41
O4 UQ1 D . -6.40 -29.83 -0.34
C5 UQ1 D . -7.92 -29.25 1.37
CM5 UQ1 D . -8.63 -30.61 1.39
C6 UQ1 D . -8.41 -28.17 2.29
C7 UQ1 D . -9.54 -28.53 3.24
C8 UQ1 D . -8.82 -29.05 4.51
C9 UQ1 D . -9.00 -30.23 5.10
C10 UQ1 D . -9.97 -31.30 4.60
C11 UQ1 D . -8.16 -30.52 6.34
C1 UQ1 E . -25.09 -4.93 -8.45
O1 UQ1 E . -25.83 -4.08 -8.07
C2 UQ1 E . -24.07 -4.66 -9.56
O2 UQ1 E . -23.95 -3.39 -10.16
CM2 UQ1 E . -24.60 -3.28 -11.40
C3 UQ1 E . -23.15 -5.76 -10.02
O3 UQ1 E . -22.22 -5.48 -11.03
CM3 UQ1 E . -22.65 -6.04 -12.22
C4 UQ1 E . -23.21 -7.17 -9.42
O4 UQ1 E . -22.48 -8.04 -9.77
C5 UQ1 E . -24.24 -7.45 -8.31
CM5 UQ1 E . -24.31 -8.85 -7.70
C6 UQ1 E . -25.15 -6.35 -7.82
C7 UQ1 E . -26.17 -6.68 -6.73
C8 UQ1 E . -27.47 -6.88 -7.51
C9 UQ1 E . -28.50 -7.57 -7.08
C10 UQ1 E . -29.72 -7.66 -7.99
C11 UQ1 E . -28.50 -8.25 -5.71
C1 UQ1 F . -34.31 3.69 -5.15
O1 UQ1 F . -34.91 4.17 -4.25
C2 UQ1 F . -34.88 3.78 -6.58
O2 UQ1 F . -36.12 4.42 -6.75
CM2 UQ1 F . -37.22 3.62 -6.41
C3 UQ1 F . -34.13 3.19 -7.79
O3 UQ1 F . -34.63 3.27 -9.10
CM3 UQ1 F . -35.00 2.07 -9.74
C4 UQ1 F . -32.78 2.51 -7.54
O4 UQ1 F . -32.15 2.03 -8.43
C5 UQ1 F . -32.24 2.45 -6.12
CM5 UQ1 F . -30.95 1.77 -5.83
C6 UQ1 F . -32.96 3.01 -4.93
C7 UQ1 F . -32.26 2.84 -3.57
C8 UQ1 F . -32.24 4.12 -2.75
C9 UQ1 F . -32.30 4.01 -1.44
C10 UQ1 F . -32.28 5.27 -0.57
C11 UQ1 F . -32.37 2.63 -0.76
S H2S G . -16.51 -9.38 -7.79
PA FAD H . 17.13 7.72 5.11
O1A FAD H . 18.23 7.56 6.10
O2A FAD H . 15.86 8.43 5.60
O5B FAD H . 17.68 8.49 3.89
C5B FAD H . 16.95 8.57 2.64
C4B FAD H . 17.58 9.72 1.88
O4B FAD H . 17.00 9.83 0.57
C3B FAD H . 17.45 11.09 2.55
O3B FAD H . 18.74 11.68 2.73
C2B FAD H . 16.61 11.90 1.56
O2B FAD H . 17.08 13.25 1.53
C1B FAD H . 16.93 11.20 0.25
N9A FAD H . 15.93 11.38 -0.80
C8A FAD H . 14.57 11.31 -0.68
N7A FAD H . 13.92 11.49 -1.81
C5A FAD H . 14.93 11.69 -2.74
C6A FAD H . 14.92 11.95 -4.13
N6A FAD H . 13.80 12.05 -4.85
N1A FAD H . 16.12 12.09 -4.75
C2A FAD H . 17.23 11.99 -4.04
N3A FAD H . 17.37 11.76 -2.72
C4A FAD H . 16.18 11.64 -2.13
N1 FAD H . 16.43 2.90 13.36
C2 FAD H . 17.07 2.06 14.23
O2 FAD H . 17.70 1.06 13.83
N3 FAD H . 17.01 2.30 15.59
C4 FAD H . 16.36 3.35 16.19
O4 FAD H . 16.39 3.47 17.43
C4X FAD H . 15.68 4.23 15.27
N5 FAD H . 15.03 5.24 15.75
C5X FAD H . 14.39 6.09 14.86
C6 FAD H . 13.70 7.20 15.37
C7 FAD H . 13.04 8.08 14.52
C7M FAD H . 12.29 9.26 15.09
C8 FAD H . 13.08 7.86 13.14
C8M FAD H . 12.40 8.81 12.19
C9 FAD H . 13.78 6.77 12.64
C9A FAD H . 14.43 5.88 13.49
N10 FAD H . 15.17 4.78 13.01
C10 FAD H . 15.78 3.92 13.86
C1' FAD H . 15.16 4.44 11.58
C2' FAD H . 16.34 4.96 10.79
O2' FAD H . 16.52 6.35 11.02
C3' FAD H . 16.04 4.75 9.30
O3' FAD H . 15.48 3.47 9.09
C4' FAD H . 17.22 4.89 8.35
O4' FAD H . 17.56 6.29 8.24
C5' FAD H . 16.89 4.29 7.01
O5' FAD H . 17.91 4.65 6.06
P FAD H . 17.58 4.97 4.58
O1P FAD H . 18.97 5.31 4.02
O2P FAD H . 16.79 3.84 4.03
O3P FAD H . 16.70 6.29 4.55
C1 UQ1 I . 22.65 -1.35 14.73
O1 UQ1 I . 23.44 -2.00 14.12
C2 UQ1 I . 22.23 0.03 14.20
O2 UQ1 I . 22.77 0.54 13.02
CM2 UQ1 I . 24.02 1.14 13.23
C3 UQ1 I . 21.23 0.86 14.97
O3 UQ1 I . 20.84 2.11 14.49
CM3 UQ1 I . 21.73 3.10 14.84
C4 UQ1 I . 20.61 0.37 16.26
O4 UQ1 I . 19.81 1.05 16.83
C5 UQ1 I . 21.03 -1.00 16.79
CM5 UQ1 I . 20.42 -1.50 18.09
C6 UQ1 I . 22.04 -1.86 16.03
C7 UQ1 I . 22.42 -3.22 16.60
C8 UQ1 I . 23.82 -3.12 17.19
C9 UQ1 I . 24.18 -3.91 18.18
C10 UQ1 I . 25.61 -3.81 18.75
C11 UQ1 I . 23.18 -4.92 18.74
S H2S J . 13.56 1.57 15.74
#